data_4NR0
#
_entry.id   4NR0
#
_cell.length_a   64.784
_cell.length_b   107.573
_cell.length_c   73.517
_cell.angle_alpha   90.000
_cell.angle_beta   116.160
_cell.angle_gamma   90.000
#
_symmetry.space_group_name_H-M   'P 1 21 1'
#
loop_
_entity.id
_entity.type
_entity.pdbx_description
1 polymer 'Enoyl-[acyl-carrier-protein] reductase [NADH] FabI'
2 non-polymer NICOTINAMIDE-ADENINE-DINUCLEOTIDE
3 non-polymer TRICLOSAN
4 water water
#
_entity_poly.entity_id   1
_entity_poly.type   'polypeptide(L)'
_entity_poly.pdbx_seq_one_letter_code
;MGFLTGKRALIVGVASKLSIASGIAAAMHREGAELAFTYQNDKLRGRVEEFASGWGSRPELCFPCDVADDSQIEAVFAAL
GKHWDGLDIIVHSVGFAPGDQLDGDFTAVTTREGFRIAHDISAYSFIALAKAGREMMKGRNGSLLTLSYLGAERTMPNYN
VMGMAKASLEAGVRYLAGSLGAEGTRVNAVSAGPIRTLAASGIKSFRKMLAANERQTPLRRNVTIEEVGNAGAFLCSDLA
SGISGEILYVDGGFNTTAMGPLDDDLEHHHHHH
;
_entity_poly.pdbx_strand_id   A,B,C,D
#
loop_
_chem_comp.id
_chem_comp.type
_chem_comp.name
_chem_comp.formula
NAD non-polymer NICOTINAMIDE-ADENINE-DINUCLEOTIDE 'C21 H27 N7 O14 P2'
TCL non-polymer TRICLOSAN 'C12 H7 Cl3 O2'
#
# COMPACT_ATOMS: atom_id res chain seq x y z
N GLY A 2 16.66 -28.08 -14.96
CA GLY A 2 16.55 -26.77 -14.33
C GLY A 2 15.41 -26.81 -13.35
N PHE A 3 15.01 -25.66 -12.79
CA PHE A 3 14.05 -25.71 -11.70
C PHE A 3 12.58 -25.78 -12.15
N LEU A 4 12.37 -25.97 -13.46
CA LEU A 4 11.02 -26.20 -13.98
C LEU A 4 10.93 -27.54 -14.71
N THR A 5 11.92 -28.41 -14.53
CA THR A 5 11.92 -29.69 -15.22
C THR A 5 10.70 -30.49 -14.79
N GLY A 6 10.02 -31.08 -15.76
CA GLY A 6 8.79 -31.80 -15.49
C GLY A 6 7.53 -30.94 -15.49
N LYS A 7 7.70 -29.63 -15.63
CA LYS A 7 6.54 -28.74 -15.67
C LYS A 7 6.05 -28.53 -17.10
N ARG A 8 4.74 -28.40 -17.24
CA ARG A 8 4.13 -28.05 -18.52
C ARG A 8 3.43 -26.70 -18.42
N ALA A 9 3.78 -25.79 -19.33
CA ALA A 9 3.29 -24.42 -19.26
C ALA A 9 2.62 -23.97 -20.55
N LEU A 10 1.47 -23.32 -20.42
CA LEU A 10 0.81 -22.67 -21.56
C LEU A 10 1.14 -21.19 -21.53
N ILE A 11 1.70 -20.68 -22.62
CA ILE A 11 2.08 -19.27 -22.65
C ILE A 11 1.21 -18.45 -23.62
N VAL A 12 0.52 -17.46 -23.07
CA VAL A 12 -0.43 -16.63 -23.80
C VAL A 12 0.10 -15.20 -23.91
N GLY A 13 0.48 -14.79 -25.12
CA GLY A 13 0.92 -13.41 -25.35
C GLY A 13 2.20 -13.17 -26.13
N VAL A 14 2.74 -14.19 -26.79
CA VAL A 14 3.90 -13.97 -27.64
C VAL A 14 3.47 -13.25 -28.90
N ALA A 15 4.12 -12.11 -29.21
CA ALA A 15 3.87 -11.39 -30.45
C ALA A 15 5.15 -11.21 -31.28
N SER A 16 6.27 -10.93 -30.61
CA SER A 16 7.54 -10.75 -31.33
C SER A 16 8.69 -11.14 -30.42
N LYS A 17 9.91 -11.07 -30.93
CA LYS A 17 11.07 -11.41 -30.12
C LYS A 17 11.26 -10.44 -28.95
N LEU A 18 10.58 -9.29 -28.99
CA LEU A 18 10.66 -8.32 -27.90
C LEU A 18 9.65 -8.56 -26.77
N SER A 19 8.64 -9.40 -27.02
CA SER A 19 7.52 -9.58 -26.07
C SER A 19 7.99 -10.03 -24.69
N ILE A 20 7.35 -9.52 -23.64
CA ILE A 20 7.64 -10.05 -22.33
C ILE A 20 7.37 -11.56 -22.29
N ALA A 21 6.30 -11.99 -22.97
CA ALA A 21 5.99 -13.43 -23.05
C ALA A 21 7.13 -14.23 -23.66
N SER A 22 7.85 -13.63 -24.60
CA SER A 22 9.02 -14.29 -25.18
C SER A 22 10.16 -14.44 -24.16
N GLY A 23 10.37 -13.41 -23.35
CA GLY A 23 11.36 -13.51 -22.28
C GLY A 23 10.97 -14.60 -21.28
N ILE A 24 9.68 -14.68 -20.94
CA ILE A 24 9.22 -15.70 -20.00
C ILE A 24 9.34 -17.10 -20.63
N ALA A 25 8.91 -17.22 -21.89
CA ALA A 25 9.01 -18.50 -22.58
C ALA A 25 10.47 -19.00 -22.58
N ALA A 26 11.41 -18.12 -22.96
CA ALA A 26 12.81 -18.51 -23.06
C ALA A 26 13.37 -18.98 -21.72
N ALA A 27 13.08 -18.24 -20.66
CA ALA A 27 13.55 -18.62 -19.34
C ALA A 27 12.96 -19.95 -18.89
N MET A 28 11.66 -20.13 -19.10
CA MET A 28 10.99 -21.36 -18.68
C MET A 28 11.52 -22.57 -19.41
N HIS A 29 11.73 -22.44 -20.72
CA HIS A 29 12.35 -23.49 -21.52
C HIS A 29 13.77 -23.78 -21.03
N ARG A 30 14.57 -22.74 -20.80
CA ARG A 30 15.91 -22.91 -20.27
C ARG A 30 15.90 -23.74 -18.99
N GLU A 31 14.90 -23.49 -18.14
CA GLU A 31 14.81 -24.16 -16.85
C GLU A 31 14.09 -25.51 -16.92
N GLY A 32 13.75 -25.93 -18.13
CA GLY A 32 13.30 -27.29 -18.35
C GLY A 32 11.82 -27.49 -18.59
N ALA A 33 11.04 -26.40 -18.63
CA ALA A 33 9.59 -26.52 -18.83
C ALA A 33 9.27 -26.94 -20.26
N GLU A 34 8.22 -27.73 -20.40
CA GLU A 34 7.66 -28.10 -21.68
C GLU A 34 6.58 -27.07 -22.00
N LEU A 35 6.62 -26.49 -23.20
CA LEU A 35 5.78 -25.31 -23.49
C LEU A 35 4.78 -25.49 -24.62
N ALA A 36 3.66 -24.79 -24.48
CA ALA A 36 2.65 -24.65 -25.52
C ALA A 36 2.26 -23.18 -25.58
N PHE A 37 1.66 -22.76 -26.69
CA PHE A 37 1.43 -21.33 -26.95
C PHE A 37 0.05 -21.05 -27.53
N THR A 38 -0.42 -19.83 -27.34
CA THR A 38 -1.56 -19.35 -28.12
C THR A 38 -1.09 -18.22 -29.02
N TYR A 39 -1.84 -17.92 -30.09
CA TYR A 39 -1.58 -16.75 -30.90
C TYR A 39 -2.90 -16.00 -31.09
N GLN A 40 -2.85 -14.67 -31.13
CA GLN A 40 -4.09 -13.90 -31.12
C GLN A 40 -4.90 -14.06 -32.40
N ASN A 41 -4.22 -14.12 -33.53
CA ASN A 41 -4.88 -14.19 -34.85
C ASN A 41 -3.96 -14.81 -35.89
N ASP A 42 -4.45 -14.93 -37.13
CA ASP A 42 -3.64 -15.63 -38.12
C ASP A 42 -2.47 -14.81 -38.65
N LYS A 43 -2.43 -13.51 -38.32
CA LYS A 43 -1.27 -12.72 -38.71
C LYS A 43 -0.08 -13.01 -37.77
N LEU A 44 -0.38 -13.39 -36.53
CA LEU A 44 0.68 -13.69 -35.57
C LEU A 44 0.98 -15.18 -35.47
N ARG A 45 0.07 -15.99 -36.00
CA ARG A 45 0.18 -17.45 -35.97
C ARG A 45 1.55 -17.96 -36.42
N GLY A 46 2.00 -17.53 -37.59
CA GLY A 46 3.24 -18.02 -38.17
C GLY A 46 4.45 -17.71 -37.33
N ARG A 47 4.48 -16.50 -36.78
CA ARG A 47 5.60 -16.09 -35.95
C ARG A 47 5.63 -16.84 -34.63
N VAL A 48 4.46 -17.08 -34.05
CA VAL A 48 4.42 -17.84 -32.80
C VAL A 48 4.85 -19.28 -33.07
N GLU A 49 4.40 -19.84 -34.18
CA GLU A 49 4.79 -21.19 -34.55
C GLU A 49 6.30 -21.33 -34.70
N GLU A 50 6.92 -20.36 -35.36
CA GLU A 50 8.37 -20.40 -35.53
C GLU A 50 9.09 -20.27 -34.19
N PHE A 51 8.59 -19.39 -33.34
CA PHE A 51 9.17 -19.21 -32.02
C PHE A 51 9.08 -20.49 -31.19
N ALA A 52 7.92 -21.14 -31.25
CA ALA A 52 7.69 -22.37 -30.49
C ALA A 52 8.70 -23.43 -30.86
N SER A 53 9.02 -23.52 -32.15
CA SER A 53 9.96 -24.52 -32.63
C SER A 53 11.35 -24.31 -32.03
N GLY A 54 11.67 -23.07 -31.68
CA GLY A 54 12.97 -22.78 -31.08
C GLY A 54 13.01 -22.91 -29.57
N TRP A 55 11.84 -23.09 -28.94
CA TRP A 55 11.74 -23.20 -27.49
C TRP A 55 11.32 -24.60 -27.08
N GLY A 56 11.76 -25.59 -27.86
CA GLY A 56 11.49 -26.97 -27.55
C GLY A 56 10.08 -27.42 -27.92
N SER A 57 9.29 -26.49 -28.43
CA SER A 57 7.88 -26.78 -28.73
C SER A 57 7.70 -27.00 -30.24
N ARG A 58 6.46 -26.95 -30.70
CA ARG A 58 6.18 -27.23 -32.11
C ARG A 58 4.84 -26.61 -32.52
N PRO A 59 4.61 -26.46 -33.83
CA PRO A 59 3.37 -25.80 -34.27
C PRO A 59 2.08 -26.47 -33.78
N GLU A 60 2.07 -27.78 -33.56
CA GLU A 60 0.82 -28.42 -33.13
C GLU A 60 0.51 -28.11 -31.66
N LEU A 61 1.48 -27.53 -30.96
CA LEU A 61 1.23 -27.05 -29.61
C LEU A 61 1.02 -25.53 -29.58
N CYS A 62 0.60 -24.98 -30.72
CA CYS A 62 0.21 -23.57 -30.81
C CYS A 62 -1.25 -23.50 -31.19
N PHE A 63 -2.02 -22.70 -30.47
CA PHE A 63 -3.48 -22.69 -30.64
C PHE A 63 -4.00 -21.27 -30.80
N PRO A 64 -5.06 -21.09 -31.62
CA PRO A 64 -5.64 -19.76 -31.77
C PRO A 64 -6.36 -19.34 -30.49
N CYS A 65 -6.14 -18.11 -30.07
CA CYS A 65 -6.89 -17.60 -28.93
C CYS A 65 -6.99 -16.08 -28.90
N ASP A 66 -8.15 -15.57 -29.31
CA ASP A 66 -8.53 -14.20 -29.03
C ASP A 66 -9.23 -14.22 -27.68
N VAL A 67 -8.62 -13.62 -26.66
CA VAL A 67 -9.13 -13.77 -25.30
C VAL A 67 -10.42 -12.97 -25.06
N ALA A 68 -10.92 -12.29 -26.09
CA ALA A 68 -12.26 -11.73 -26.01
C ALA A 68 -13.34 -12.82 -26.08
N ASP A 69 -12.93 -14.02 -26.50
CA ASP A 69 -13.86 -15.05 -26.98
C ASP A 69 -13.82 -16.27 -26.07
N ASP A 70 -14.86 -16.48 -25.27
CA ASP A 70 -14.87 -17.61 -24.34
C ASP A 70 -14.74 -18.95 -25.07
N SER A 71 -15.39 -19.05 -26.24
CA SER A 71 -15.36 -20.29 -26.99
C SER A 71 -13.95 -20.66 -27.43
N GLN A 72 -13.19 -19.67 -27.89
CA GLN A 72 -11.82 -19.90 -28.31
C GLN A 72 -10.94 -20.30 -27.13
N ILE A 73 -11.17 -19.65 -25.99
CA ILE A 73 -10.40 -19.96 -24.79
C ILE A 73 -10.64 -21.40 -24.35
N GLU A 74 -11.91 -21.83 -24.37
CA GLU A 74 -12.23 -23.19 -23.99
C GLU A 74 -11.66 -24.17 -25.00
N ALA A 75 -11.67 -23.78 -26.27
CA ALA A 75 -11.13 -24.63 -27.33
C ALA A 75 -9.62 -24.82 -27.24
N VAL A 76 -8.91 -23.90 -26.58
CA VAL A 76 -7.48 -24.06 -26.36
C VAL A 76 -7.22 -25.25 -25.46
N PHE A 77 -7.97 -25.34 -24.37
CA PHE A 77 -7.70 -26.39 -23.41
C PHE A 77 -8.21 -27.73 -23.90
N ALA A 78 -9.30 -27.71 -24.65
CA ALA A 78 -9.81 -28.93 -25.27
C ALA A 78 -8.78 -29.48 -26.25
N ALA A 79 -8.20 -28.60 -27.08
CA ALA A 79 -7.18 -29.01 -28.04
C ALA A 79 -5.91 -29.47 -27.33
N LEU A 80 -5.42 -28.66 -26.38
CA LEU A 80 -4.21 -28.99 -25.63
C LEU A 80 -4.33 -30.34 -24.92
N GLY A 81 -5.51 -30.61 -24.38
CA GLY A 81 -5.76 -31.85 -23.66
C GLY A 81 -5.65 -33.09 -24.53
N LYS A 82 -5.67 -32.92 -25.85
CA LYS A 82 -5.42 -34.00 -26.79
C LYS A 82 -3.94 -34.40 -26.77
N HIS A 83 -3.08 -33.47 -26.33
CA HIS A 83 -1.64 -33.70 -26.33
C HIS A 83 -1.08 -33.93 -24.91
N TRP A 84 -1.66 -33.24 -23.94
CA TRP A 84 -1.16 -33.26 -22.56
C TRP A 84 -2.26 -33.74 -21.61
N ASP A 85 -1.93 -34.66 -20.70
CA ASP A 85 -2.94 -35.17 -19.77
C ASP A 85 -3.08 -34.29 -18.53
N GLY A 86 -2.37 -33.16 -18.53
CA GLY A 86 -2.46 -32.20 -17.45
C GLY A 86 -1.63 -30.97 -17.72
N LEU A 87 -1.83 -29.92 -16.93
CA LEU A 87 -1.14 -28.65 -17.15
C LEU A 87 -0.71 -28.08 -15.81
N ASP A 88 0.51 -27.56 -15.73
CA ASP A 88 1.02 -26.99 -14.47
C ASP A 88 0.93 -25.47 -14.42
N ILE A 89 1.15 -24.81 -15.55
CA ILE A 89 1.34 -23.37 -15.55
C ILE A 89 0.58 -22.68 -16.66
N ILE A 90 -0.04 -21.55 -16.34
CA ILE A 90 -0.53 -20.65 -17.36
C ILE A 90 0.09 -19.27 -17.19
N VAL A 91 0.74 -18.79 -18.24
CA VAL A 91 1.28 -17.42 -18.26
C VAL A 91 0.37 -16.53 -19.12
N HIS A 92 -0.16 -15.50 -18.49
CA HIS A 92 -1.07 -14.54 -19.12
C HIS A 92 -0.32 -13.23 -19.33
N SER A 93 0.11 -12.99 -20.57
CA SER A 93 0.92 -11.82 -20.90
C SER A 93 0.27 -11.07 -22.07
N VAL A 94 -0.88 -10.48 -21.78
CA VAL A 94 -1.73 -9.91 -22.82
C VAL A 94 -2.38 -8.62 -22.31
N GLY A 95 -2.56 -7.65 -23.19
CA GLY A 95 -3.27 -6.44 -22.82
C GLY A 95 -3.78 -5.72 -24.05
N PHE A 96 -4.83 -4.93 -23.87
CA PHE A 96 -5.30 -4.06 -24.94
C PHE A 96 -6.27 -3.01 -24.46
N ALA A 97 -6.11 -1.81 -25.00
CA ALA A 97 -7.15 -0.80 -24.95
C ALA A 97 -7.11 -0.07 -26.29
N PRO A 98 -8.28 0.36 -26.79
CA PRO A 98 -8.29 1.16 -28.03
C PRO A 98 -7.33 2.35 -27.92
N GLY A 99 -6.60 2.61 -29.00
CA GLY A 99 -5.58 3.66 -28.97
C GLY A 99 -6.12 5.01 -28.53
N ASP A 100 -7.37 5.31 -28.86
CA ASP A 100 -7.90 6.64 -28.53
C ASP A 100 -8.04 6.82 -27.01
N GLN A 101 -8.05 5.71 -26.26
CA GLN A 101 -8.10 5.77 -24.80
C GLN A 101 -6.78 6.26 -24.20
N LEU A 102 -5.69 6.02 -24.94
CA LEU A 102 -4.35 6.21 -24.37
C LEU A 102 -3.61 7.41 -24.94
N ASP A 103 -4.36 8.36 -25.50
CA ASP A 103 -3.75 9.53 -26.09
C ASP A 103 -4.55 10.77 -25.73
N GLY A 104 -4.17 11.42 -24.64
CA GLY A 104 -4.82 12.66 -24.26
C GLY A 104 -5.25 12.68 -22.81
N ASP A 105 -6.00 13.72 -22.45
CA ASP A 105 -6.49 13.89 -21.09
C ASP A 105 -7.42 12.72 -20.71
N PHE A 106 -7.16 12.14 -19.55
CA PHE A 106 -7.89 10.95 -19.10
C PHE A 106 -9.40 11.15 -19.11
N THR A 107 -9.86 12.28 -18.58
CA THR A 107 -11.30 12.49 -18.48
C THR A 107 -11.89 12.70 -19.88
N ALA A 108 -11.19 13.45 -20.71
CA ALA A 108 -11.72 13.75 -22.05
C ALA A 108 -11.82 12.52 -22.92
N VAL A 109 -10.82 11.64 -22.88
CA VAL A 109 -10.73 10.59 -23.89
C VAL A 109 -11.29 9.24 -23.45
N THR A 110 -11.46 9.04 -22.14
CA THR A 110 -11.93 7.74 -21.65
C THR A 110 -13.42 7.62 -21.96
N THR A 111 -13.83 6.45 -22.45
CA THR A 111 -15.23 6.22 -22.78
C THR A 111 -15.69 4.91 -22.21
N ARG A 112 -17.00 4.70 -22.24
CA ARG A 112 -17.61 3.49 -21.69
C ARG A 112 -17.10 2.24 -22.43
N GLU A 113 -17.03 2.34 -23.76
CA GLU A 113 -16.63 1.21 -24.59
C GLU A 113 -15.13 0.97 -24.50
N GLY A 114 -14.34 2.04 -24.48
CA GLY A 114 -12.89 1.92 -24.31
C GLY A 114 -12.56 1.26 -22.98
N PHE A 115 -13.21 1.73 -21.92
CA PHE A 115 -13.16 1.13 -20.59
C PHE A 115 -13.57 -0.35 -20.64
N ARG A 116 -14.68 -0.66 -21.30
CA ARG A 116 -15.13 -2.05 -21.36
C ARG A 116 -14.08 -2.96 -21.96
N ILE A 117 -13.54 -2.55 -23.11
CA ILE A 117 -12.56 -3.32 -23.82
C ILE A 117 -11.28 -3.47 -22.99
N ALA A 118 -10.80 -2.39 -22.40
CA ALA A 118 -9.56 -2.45 -21.64
C ALA A 118 -9.67 -3.47 -20.50
N HIS A 119 -10.78 -3.42 -19.76
CA HIS A 119 -10.96 -4.35 -18.65
C HIS A 119 -11.21 -5.78 -19.13
N ASP A 120 -11.96 -5.94 -20.22
CA ASP A 120 -12.25 -7.25 -20.77
C ASP A 120 -10.97 -7.99 -21.21
N ILE A 121 -10.14 -7.33 -22.03
CA ILE A 121 -8.95 -7.98 -22.58
C ILE A 121 -7.83 -8.05 -21.55
N SER A 122 -7.66 -6.99 -20.78
CA SER A 122 -6.48 -6.90 -19.91
C SER A 122 -6.72 -7.49 -18.52
N ALA A 123 -7.97 -7.55 -18.05
CA ALA A 123 -8.20 -8.07 -16.70
C ALA A 123 -9.07 -9.32 -16.69
N TYR A 124 -10.25 -9.26 -17.31
CA TYR A 124 -11.13 -10.44 -17.23
C TYR A 124 -10.50 -11.68 -17.88
N SER A 125 -9.75 -11.48 -18.95
CA SER A 125 -9.17 -12.61 -19.67
C SER A 125 -8.29 -13.48 -18.77
N PHE A 126 -7.70 -12.90 -17.74
CA PHE A 126 -6.91 -13.70 -16.78
C PHE A 126 -7.85 -14.64 -16.00
N ILE A 127 -8.99 -14.13 -15.55
CA ILE A 127 -9.96 -14.97 -14.86
C ILE A 127 -10.46 -16.06 -15.82
N ALA A 128 -10.68 -15.68 -17.08
CA ALA A 128 -11.17 -16.62 -18.09
C ALA A 128 -10.23 -17.80 -18.28
N LEU A 129 -8.93 -17.54 -18.31
CA LEU A 129 -7.95 -18.61 -18.42
C LEU A 129 -7.91 -19.48 -17.16
N ALA A 130 -8.00 -18.85 -15.99
CA ALA A 130 -7.99 -19.59 -14.73
C ALA A 130 -9.14 -20.57 -14.71
N LYS A 131 -10.31 -20.10 -15.13
CA LYS A 131 -11.53 -20.90 -15.17
C LYS A 131 -11.39 -22.08 -16.13
N ALA A 132 -11.04 -21.78 -17.37
CA ALA A 132 -11.01 -22.80 -18.42
C ALA A 132 -9.91 -23.83 -18.20
N GLY A 133 -8.84 -23.43 -17.54
CA GLY A 133 -7.73 -24.34 -17.31
C GLY A 133 -7.79 -25.06 -15.97
N ARG A 134 -8.85 -24.83 -15.21
CA ARG A 134 -8.93 -25.36 -13.84
C ARG A 134 -8.88 -26.89 -13.81
N GLU A 135 -9.61 -27.52 -14.72
CA GLU A 135 -9.68 -28.97 -14.73
C GLU A 135 -8.34 -29.61 -15.10
N MET A 136 -7.65 -29.06 -16.10
CA MET A 136 -6.35 -29.59 -16.50
C MET A 136 -5.30 -29.41 -15.41
N MET A 137 -5.46 -28.37 -14.59
CA MET A 137 -4.50 -28.06 -13.52
C MET A 137 -4.81 -28.79 -12.21
N LYS A 138 -5.95 -29.45 -12.16
CA LYS A 138 -6.44 -30.07 -10.93
C LYS A 138 -5.46 -31.10 -10.39
N GLY A 139 -5.07 -30.93 -9.13
CA GLY A 139 -4.22 -31.89 -8.46
C GLY A 139 -2.74 -31.78 -8.80
N ARG A 140 -2.36 -30.76 -9.56
CA ARG A 140 -0.97 -30.63 -9.96
C ARG A 140 -0.17 -29.63 -9.13
N ASN A 141 -0.85 -28.90 -8.23
CA ASN A 141 -0.17 -27.85 -7.45
C ASN A 141 0.58 -26.89 -8.37
N GLY A 142 -0.12 -26.41 -9.38
CA GLY A 142 0.47 -25.53 -10.36
C GLY A 142 0.35 -24.07 -10.01
N SER A 143 0.45 -23.23 -11.03
CA SER A 143 0.42 -21.79 -10.81
C SER A 143 -0.01 -21.01 -12.04
N LEU A 144 -0.49 -19.81 -11.77
CA LEU A 144 -0.91 -18.86 -12.78
C LEU A 144 -0.05 -17.62 -12.61
N LEU A 145 0.33 -17.00 -13.72
CA LEU A 145 1.09 -15.77 -13.67
C LEU A 145 0.49 -14.76 -14.63
N THR A 146 0.34 -13.53 -14.18
CA THR A 146 -0.01 -12.45 -15.10
C THR A 146 1.02 -11.32 -15.00
N LEU A 147 0.82 -10.27 -15.79
CA LEU A 147 1.75 -9.16 -15.85
C LEU A 147 1.00 -7.85 -15.61
N SER A 148 1.52 -7.03 -14.71
CA SER A 148 0.91 -5.73 -14.43
C SER A 148 1.92 -4.58 -14.56
N TYR A 149 1.49 -3.40 -14.17
CA TYR A 149 2.30 -2.19 -14.30
C TYR A 149 1.93 -1.18 -13.21
N LEU A 150 2.93 -0.42 -12.77
CA LEU A 150 2.80 0.57 -11.69
C LEU A 150 1.59 1.50 -11.84
N GLY A 151 1.18 1.69 -13.09
CA GLY A 151 0.02 2.50 -13.43
C GLY A 151 -1.26 2.12 -12.70
N ALA A 152 -1.33 0.88 -12.20
CA ALA A 152 -2.43 0.45 -11.35
C ALA A 152 -2.48 1.23 -10.03
N GLU A 153 -1.30 1.57 -9.51
CA GLU A 153 -1.20 2.20 -8.20
C GLU A 153 -1.07 3.71 -8.24
N ARG A 154 -0.29 4.20 -9.19
CA ARG A 154 0.00 5.63 -9.27
C ARG A 154 -0.03 6.07 -10.72
N THR A 155 -0.27 7.37 -10.95
CA THR A 155 -0.67 7.83 -12.29
C THR A 155 0.49 8.41 -13.10
N MET A 156 0.28 8.44 -14.41
CA MET A 156 1.24 8.99 -15.37
C MET A 156 0.43 9.36 -16.60
N PRO A 157 0.93 10.29 -17.43
CA PRO A 157 0.18 10.67 -18.63
C PRO A 157 -0.14 9.46 -19.51
N ASN A 158 -1.30 9.52 -20.16
CA ASN A 158 -1.74 8.61 -21.24
C ASN A 158 -2.02 7.15 -20.88
N TYR A 159 -1.40 6.58 -19.83
CA TYR A 159 -1.69 5.19 -19.48
C TYR A 159 -3.17 5.07 -19.16
N ASN A 160 -3.72 6.07 -18.47
CA ASN A 160 -5.16 6.30 -18.44
C ASN A 160 -5.97 5.06 -18.01
N VAL A 161 -6.94 4.65 -18.83
CA VAL A 161 -7.83 3.57 -18.39
C VAL A 161 -7.12 2.21 -18.26
N MET A 162 -5.94 2.05 -18.85
CA MET A 162 -5.19 0.81 -18.65
C MET A 162 -4.77 0.69 -17.19
N GLY A 163 -4.59 1.82 -16.52
CA GLY A 163 -4.30 1.83 -15.09
C GLY A 163 -5.44 1.27 -14.26
N MET A 164 -6.67 1.63 -14.61
CA MET A 164 -7.86 1.06 -13.98
C MET A 164 -7.95 -0.45 -14.23
N ALA A 165 -7.69 -0.88 -15.46
CA ALA A 165 -7.75 -2.30 -15.79
C ALA A 165 -6.67 -3.09 -15.07
N LYS A 166 -5.49 -2.49 -14.91
CA LYS A 166 -4.41 -3.19 -14.19
C LYS A 166 -4.76 -3.30 -12.71
N ALA A 167 -5.41 -2.27 -12.17
CA ALA A 167 -5.83 -2.33 -10.76
C ALA A 167 -6.85 -3.45 -10.59
N SER A 168 -7.77 -3.56 -11.54
CA SER A 168 -8.73 -4.66 -11.54
C SER A 168 -8.00 -6.01 -11.56
N LEU A 169 -7.05 -6.13 -12.50
CA LEU A 169 -6.24 -7.33 -12.65
C LEU A 169 -5.53 -7.75 -11.37
N GLU A 170 -4.88 -6.80 -10.69
CA GLU A 170 -4.17 -7.12 -9.47
C GLU A 170 -5.13 -7.59 -8.36
N ALA A 171 -6.31 -6.97 -8.26
CA ALA A 171 -7.35 -7.51 -7.37
C ALA A 171 -7.72 -8.93 -7.77
N GLY A 172 -7.81 -9.17 -9.10
CA GLY A 172 -8.10 -10.51 -9.59
C GLY A 172 -7.06 -11.53 -9.16
N VAL A 173 -5.80 -11.13 -9.13
CA VAL A 173 -4.73 -12.00 -8.68
C VAL A 173 -5.03 -12.48 -7.26
N ARG A 174 -5.41 -11.54 -6.39
CA ARG A 174 -5.73 -11.89 -5.01
C ARG A 174 -6.99 -12.75 -4.89
N TYR A 175 -8.03 -12.43 -5.66
CA TYR A 175 -9.29 -13.18 -5.54
C TYR A 175 -9.11 -14.59 -6.09
N LEU A 176 -8.35 -14.72 -7.19
CA LEU A 176 -8.02 -16.04 -7.72
C LEU A 176 -7.17 -16.85 -6.73
N ALA A 177 -6.16 -16.21 -6.14
CA ALA A 177 -5.34 -16.88 -5.12
C ALA A 177 -6.23 -17.40 -3.98
N GLY A 178 -7.14 -16.55 -3.52
CA GLY A 178 -7.99 -16.89 -2.40
C GLY A 178 -8.96 -18.02 -2.71
N SER A 179 -9.36 -18.11 -3.98
CA SER A 179 -10.28 -19.15 -4.47
C SER A 179 -9.56 -20.48 -4.79
N LEU A 180 -8.44 -20.40 -5.52
CA LEU A 180 -7.78 -21.61 -6.06
C LEU A 180 -6.72 -22.22 -5.12
N GLY A 181 -6.38 -21.50 -4.05
CA GLY A 181 -5.32 -21.92 -3.15
C GLY A 181 -5.59 -23.25 -2.47
N ALA A 182 -6.83 -23.44 -2.02
CA ALA A 182 -7.20 -24.64 -1.26
C ALA A 182 -6.91 -25.90 -2.07
N GLU A 183 -7.16 -25.86 -3.38
CA GLU A 183 -6.89 -27.01 -4.24
C GLU A 183 -5.46 -27.03 -4.80
N GLY A 184 -4.64 -26.08 -4.37
CA GLY A 184 -3.20 -26.16 -4.57
C GLY A 184 -2.59 -25.22 -5.58
N THR A 185 -3.41 -24.42 -6.25
CA THR A 185 -2.89 -23.50 -7.26
C THR A 185 -2.45 -22.16 -6.67
N ARG A 186 -1.25 -21.72 -7.03
CA ARG A 186 -0.77 -20.39 -6.64
C ARG A 186 -1.01 -19.41 -7.78
N VAL A 187 -1.24 -18.14 -7.44
CA VAL A 187 -1.56 -17.11 -8.43
C VAL A 187 -0.78 -15.84 -8.11
N ASN A 188 0.05 -15.40 -9.04
CA ASN A 188 0.93 -14.25 -8.79
C ASN A 188 1.05 -13.37 -10.04
N ALA A 189 1.65 -12.20 -9.89
CA ALA A 189 2.00 -11.37 -11.04
C ALA A 189 3.39 -10.78 -10.94
N VAL A 190 3.96 -10.48 -12.10
CA VAL A 190 5.11 -9.58 -12.15
C VAL A 190 4.61 -8.21 -12.60
N SER A 191 4.98 -7.17 -11.84
CA SER A 191 4.76 -5.80 -12.30
C SER A 191 6.08 -5.31 -12.86
N ALA A 192 6.19 -5.30 -14.19
CA ALA A 192 7.45 -4.95 -14.84
C ALA A 192 7.63 -3.44 -15.00
N GLY A 193 8.89 -3.00 -14.99
CA GLY A 193 9.22 -1.67 -15.43
C GLY A 193 9.02 -1.56 -16.93
N PRO A 194 9.14 -0.34 -17.47
CA PRO A 194 8.95 -0.13 -18.91
C PRO A 194 9.99 -0.84 -19.76
N ILE A 195 9.49 -1.53 -20.80
CA ILE A 195 10.31 -2.29 -21.76
C ILE A 195 9.79 -2.03 -23.17
N ARG A 196 10.69 -1.76 -24.12
CA ARG A 196 10.25 -1.49 -25.48
C ARG A 196 9.70 -2.76 -26.12
N THR A 197 8.39 -2.80 -26.30
CA THR A 197 7.71 -3.92 -26.94
C THR A 197 6.81 -3.33 -28.01
N LEU A 198 6.22 -4.18 -28.85
CA LEU A 198 5.20 -3.74 -29.79
C LEU A 198 4.13 -2.91 -29.08
N ALA A 199 3.56 -3.47 -28.00
CA ALA A 199 2.48 -2.78 -27.31
C ALA A 199 2.95 -1.44 -26.72
N ALA A 200 4.16 -1.43 -26.16
CA ALA A 200 4.71 -0.20 -25.57
C ALA A 200 4.77 0.93 -26.61
N SER A 201 5.08 0.58 -27.86
CA SER A 201 5.19 1.54 -28.96
C SER A 201 3.93 2.36 -29.17
N GLY A 202 2.79 1.77 -28.81
CA GLY A 202 1.49 2.39 -29.04
C GLY A 202 1.16 3.49 -28.06
N ILE A 203 1.91 3.58 -26.97
CA ILE A 203 1.74 4.66 -26.02
C ILE A 203 2.65 5.80 -26.46
N LYS A 204 2.04 6.90 -26.92
CA LYS A 204 2.77 7.96 -27.61
C LYS A 204 3.90 8.54 -26.75
N SER A 205 3.74 8.47 -25.44
CA SER A 205 4.71 9.05 -24.51
C SER A 205 5.58 8.00 -23.85
N PHE A 206 5.61 6.80 -24.40
CA PHE A 206 6.33 5.70 -23.74
C PHE A 206 7.78 6.04 -23.42
N ARG A 207 8.46 6.72 -24.34
CA ARG A 207 9.87 7.03 -24.14
C ARG A 207 10.09 7.88 -22.89
N LYS A 208 9.08 8.68 -22.52
CA LYS A 208 9.16 9.48 -21.30
C LYS A 208 9.09 8.61 -20.04
N MET A 209 8.29 7.55 -20.10
CA MET A 209 8.24 6.55 -19.03
C MET A 209 9.59 5.86 -18.89
N LEU A 210 10.15 5.46 -20.03
CA LEU A 210 11.43 4.80 -20.09
C LEU A 210 12.50 5.67 -19.47
N ALA A 211 12.47 6.96 -19.81
CA ALA A 211 13.46 7.91 -19.33
C ALA A 211 13.35 8.13 -17.82
N ALA A 212 12.13 8.33 -17.33
CA ALA A 212 11.91 8.54 -15.89
C ALA A 212 12.41 7.36 -15.08
N ASN A 213 12.07 6.15 -15.54
CA ASN A 213 12.53 4.94 -14.90
C ASN A 213 14.06 4.86 -14.91
N GLU A 214 14.67 5.11 -16.06
CA GLU A 214 16.12 5.04 -16.16
C GLU A 214 16.84 5.98 -15.19
N ARG A 215 16.34 7.22 -15.07
CA ARG A 215 17.02 8.20 -14.24
C ARG A 215 16.74 8.05 -12.73
N GLN A 216 15.57 7.51 -12.39
CA GLN A 216 15.09 7.56 -11.01
C GLN A 216 15.11 6.18 -10.30
N THR A 217 15.14 5.10 -11.08
CA THR A 217 15.13 3.78 -10.48
C THR A 217 16.46 3.53 -9.75
N PRO A 218 16.41 2.80 -8.63
CA PRO A 218 17.61 2.59 -7.82
C PRO A 218 18.79 2.01 -8.61
N LEU A 219 18.52 1.08 -9.51
CA LEU A 219 19.58 0.45 -10.29
C LEU A 219 20.10 1.37 -11.42
N ARG A 220 19.40 2.47 -11.66
CA ARG A 220 19.79 3.47 -12.67
C ARG A 220 19.93 2.87 -14.06
N ARG A 221 19.11 1.86 -14.34
CA ARG A 221 19.04 1.31 -15.68
C ARG A 221 17.68 0.66 -15.85
N ASN A 222 17.26 0.41 -17.08
CA ASN A 222 15.96 -0.21 -17.31
C ASN A 222 16.08 -1.72 -17.27
N VAL A 223 14.97 -2.42 -17.03
CA VAL A 223 15.01 -3.88 -16.91
C VAL A 223 14.82 -4.53 -18.28
N THR A 224 15.07 -5.83 -18.35
CA THR A 224 14.98 -6.60 -19.60
C THR A 224 13.91 -7.67 -19.53
N ILE A 225 13.52 -8.22 -20.70
CA ILE A 225 12.56 -9.33 -20.68
C ILE A 225 13.24 -10.58 -20.14
N GLU A 226 14.57 -10.59 -20.12
CA GLU A 226 15.28 -11.69 -19.49
C GLU A 226 15.09 -11.64 -17.98
N GLU A 227 15.13 -10.44 -17.42
CA GLU A 227 14.94 -10.28 -15.98
C GLU A 227 13.47 -10.53 -15.58
N VAL A 228 12.54 -10.07 -16.39
CA VAL A 228 11.14 -10.36 -16.11
C VAL A 228 10.89 -11.85 -16.25
N GLY A 229 11.51 -12.47 -17.26
CA GLY A 229 11.32 -13.88 -17.51
C GLY A 229 11.84 -14.76 -16.38
N ASN A 230 13.00 -14.41 -15.83
CA ASN A 230 13.54 -15.15 -14.70
C ASN A 230 12.63 -15.04 -13.47
N ALA A 231 12.12 -13.85 -13.21
CA ALA A 231 11.19 -13.64 -12.10
C ALA A 231 9.92 -14.46 -12.28
N GLY A 232 9.39 -14.46 -13.51
CA GLY A 232 8.19 -15.23 -13.82
C GLY A 232 8.42 -16.72 -13.71
N ALA A 233 9.56 -17.19 -14.25
CA ALA A 233 9.93 -18.59 -14.15
C ALA A 233 10.00 -19.02 -12.70
N PHE A 234 10.63 -18.20 -11.86
CA PHE A 234 10.73 -18.50 -10.43
C PHE A 234 9.36 -18.60 -9.77
N LEU A 235 8.50 -17.63 -10.05
CA LEU A 235 7.19 -17.57 -9.42
C LEU A 235 6.34 -18.79 -9.78
N CYS A 236 6.58 -19.35 -10.97
CA CYS A 236 5.82 -20.52 -11.42
C CYS A 236 6.53 -21.83 -11.11
N SER A 237 7.54 -21.78 -10.26
CA SER A 237 8.29 -22.99 -9.88
C SER A 237 8.02 -23.37 -8.44
N ASP A 238 8.39 -24.60 -8.07
CA ASP A 238 8.20 -25.09 -6.70
C ASP A 238 9.11 -24.36 -5.70
N LEU A 239 10.11 -23.63 -6.21
CA LEU A 239 10.90 -22.72 -5.36
C LEU A 239 10.02 -21.64 -4.72
N ALA A 240 8.93 -21.30 -5.39
CA ALA A 240 8.03 -20.25 -4.92
C ALA A 240 6.77 -20.82 -4.25
N SER A 241 6.86 -22.02 -3.68
CA SER A 241 5.66 -22.71 -3.21
C SER A 241 5.04 -22.06 -1.97
N GLY A 242 5.79 -21.15 -1.35
CA GLY A 242 5.25 -20.38 -0.24
C GLY A 242 4.65 -19.04 -0.66
N ILE A 243 4.63 -18.77 -1.97
CA ILE A 243 4.21 -17.46 -2.48
C ILE A 243 2.93 -17.52 -3.32
N SER A 244 1.89 -16.82 -2.87
CA SER A 244 0.68 -16.68 -3.66
C SER A 244 0.02 -15.33 -3.45
N GLY A 245 -0.71 -14.85 -4.45
CA GLY A 245 -1.43 -13.59 -4.36
C GLY A 245 -0.52 -12.37 -4.47
N GLU A 246 0.72 -12.60 -4.88
CA GLU A 246 1.75 -11.57 -4.83
C GLU A 246 1.91 -10.78 -6.14
N ILE A 247 2.12 -9.47 -6.01
CA ILE A 247 2.55 -8.65 -7.13
C ILE A 247 4.04 -8.32 -6.93
N LEU A 248 4.88 -9.02 -7.68
CA LEU A 248 6.33 -8.90 -7.61
C LEU A 248 6.85 -7.87 -8.62
N TYR A 249 7.38 -6.76 -8.11
CA TYR A 249 7.94 -5.72 -8.99
C TYR A 249 9.31 -6.13 -9.55
N VAL A 250 9.46 -6.00 -10.87
CA VAL A 250 10.75 -6.18 -11.55
C VAL A 250 10.95 -4.90 -12.35
N ASP A 251 11.41 -3.86 -11.65
CA ASP A 251 11.52 -2.54 -12.23
C ASP A 251 12.75 -1.81 -11.73
N GLY A 252 13.68 -2.55 -11.16
CA GLY A 252 14.89 -1.98 -10.61
C GLY A 252 14.66 -1.25 -9.31
N GLY A 253 13.41 -1.25 -8.85
CA GLY A 253 13.02 -0.59 -7.61
C GLY A 253 12.36 0.76 -7.82
N PHE A 254 12.00 1.09 -9.07
CA PHE A 254 11.44 2.40 -9.36
C PHE A 254 10.20 2.69 -8.52
N ASN A 255 9.39 1.67 -8.30
CA ASN A 255 8.14 1.82 -7.56
C ASN A 255 8.36 2.28 -6.12
N THR A 256 9.58 2.13 -5.60
CA THR A 256 9.87 2.50 -4.23
C THR A 256 10.37 3.93 -4.13
N THR A 257 10.35 4.66 -5.24
CA THR A 257 10.87 6.03 -5.25
C THR A 257 9.79 7.08 -5.46
N ALA A 258 10.03 8.30 -4.97
CA ALA A 258 9.14 9.41 -5.21
C ALA A 258 9.93 10.67 -5.46
N MET A 259 10.68 10.69 -6.56
CA MET A 259 11.64 11.76 -6.82
C MET A 259 11.14 12.72 -7.90
N GLY A 260 9.82 12.92 -7.94
CA GLY A 260 9.17 13.65 -9.03
C GLY A 260 9.71 15.03 -9.37
N GLY B 2 -22.94 26.49 7.70
CA GLY B 2 -22.04 25.40 8.00
C GLY B 2 -20.93 25.40 6.97
N PHE B 3 -20.09 24.37 6.94
CA PHE B 3 -18.90 24.49 6.12
C PHE B 3 -19.12 24.15 4.63
N LEU B 4 -20.38 23.98 4.23
CA LEU B 4 -20.70 23.81 2.83
C LEU B 4 -21.69 24.88 2.34
N THR B 5 -21.83 25.96 3.09
CA THR B 5 -22.80 27.00 2.70
C THR B 5 -22.34 27.62 1.39
N GLY B 6 -23.26 27.77 0.46
CA GLY B 6 -22.92 28.28 -0.86
C GLY B 6 -22.54 27.21 -1.86
N LYS B 7 -22.46 25.95 -1.41
CA LYS B 7 -22.12 24.86 -2.31
C LYS B 7 -23.38 24.20 -2.86
N ARG B 8 -23.31 23.77 -4.12
CA ARG B 8 -24.38 23.00 -4.74
C ARG B 8 -23.88 21.59 -5.09
N ALA B 9 -24.61 20.58 -4.64
CA ALA B 9 -24.17 19.20 -4.82
C ALA B 9 -25.23 18.34 -5.49
N LEU B 10 -24.80 17.50 -6.42
CA LEU B 10 -25.65 16.46 -6.98
C LEU B 10 -25.34 15.14 -6.30
N ILE B 11 -26.37 14.47 -5.77
CA ILE B 11 -26.14 13.21 -5.08
C ILE B 11 -26.79 12.04 -5.85
N VAL B 12 -25.94 11.08 -6.21
CA VAL B 12 -26.32 9.92 -7.02
C VAL B 12 -26.23 8.66 -6.17
N GLY B 13 -27.38 8.06 -5.82
CA GLY B 13 -27.39 6.81 -5.08
C GLY B 13 -28.34 6.64 -3.90
N VAL B 14 -29.22 7.60 -3.66
CA VAL B 14 -30.21 7.43 -2.59
C VAL B 14 -31.21 6.34 -2.98
N ALA B 15 -31.39 5.33 -2.11
CA ALA B 15 -32.39 4.30 -2.33
C ALA B 15 -33.33 4.14 -1.12
N SER B 16 -32.80 4.33 0.09
CA SER B 16 -33.64 4.24 1.30
C SER B 16 -33.03 5.06 2.40
N LYS B 17 -33.70 5.10 3.55
CA LYS B 17 -33.20 5.86 4.69
C LYS B 17 -31.85 5.29 5.21
N LEU B 18 -31.55 4.05 4.85
CA LEU B 18 -30.30 3.40 5.27
C LEU B 18 -29.11 3.70 4.35
N SER B 19 -29.37 4.23 3.17
CA SER B 19 -28.32 4.41 2.14
C SER B 19 -27.17 5.27 2.63
N ILE B 20 -25.95 4.90 2.23
CA ILE B 20 -24.79 5.76 2.46
C ILE B 20 -25.06 7.14 1.85
N ALA B 21 -25.66 7.16 0.66
CA ALA B 21 -25.98 8.44 0.01
C ALA B 21 -26.92 9.30 0.85
N SER B 22 -27.80 8.66 1.61
CA SER B 22 -28.70 9.40 2.51
C SER B 22 -27.94 10.00 3.68
N GLY B 23 -26.97 9.26 4.21
CA GLY B 23 -26.10 9.80 5.25
C GLY B 23 -25.30 10.99 4.75
N ILE B 24 -24.79 10.90 3.52
CA ILE B 24 -24.03 12.01 2.95
C ILE B 24 -24.95 13.21 2.66
N ALA B 25 -26.12 12.96 2.09
CA ALA B 25 -27.08 14.05 1.83
C ALA B 25 -27.43 14.80 3.12
N ALA B 26 -27.73 14.06 4.18
CA ALA B 26 -28.15 14.69 5.45
C ALA B 26 -27.06 15.56 6.03
N ALA B 27 -25.82 15.09 5.98
CA ALA B 27 -24.69 15.84 6.51
C ALA B 27 -24.42 17.10 5.68
N MET B 28 -24.44 16.95 4.34
CA MET B 28 -24.20 18.09 3.47
C MET B 28 -25.26 19.17 3.61
N HIS B 29 -26.53 18.75 3.71
CA HIS B 29 -27.62 19.69 3.94
C HIS B 29 -27.46 20.38 5.29
N ARG B 30 -27.15 19.61 6.33
CA ARG B 30 -26.88 20.17 7.66
C ARG B 30 -25.82 21.27 7.57
N GLU B 31 -24.79 21.03 6.76
CA GLU B 31 -23.67 21.96 6.66
C GLU B 31 -23.91 23.07 5.63
N GLY B 32 -25.11 23.10 5.05
CA GLY B 32 -25.55 24.24 4.27
C GLY B 32 -25.56 24.09 2.77
N ALA B 33 -25.28 22.88 2.27
CA ALA B 33 -25.26 22.65 0.83
C ALA B 33 -26.68 22.62 0.24
N GLU B 34 -26.78 23.13 -0.98
CA GLU B 34 -27.98 23.02 -1.80
C GLU B 34 -27.91 21.68 -2.56
N LEU B 35 -28.94 20.87 -2.46
CA LEU B 35 -28.85 19.52 -3.02
C LEU B 35 -29.79 19.25 -4.19
N ALA B 36 -29.31 18.41 -5.10
CA ALA B 36 -30.12 17.81 -6.16
C ALA B 36 -29.83 16.31 -6.17
N PHE B 37 -30.70 15.52 -6.79
CA PHE B 37 -30.64 14.06 -6.67
C PHE B 37 -30.91 13.36 -7.99
N THR B 38 -30.42 12.13 -8.11
CA THR B 38 -30.90 11.26 -9.17
C THR B 38 -31.61 10.06 -8.53
N TYR B 39 -32.45 9.38 -9.31
CA TYR B 39 -33.05 8.12 -8.90
C TYR B 39 -32.87 7.10 -10.02
N GLN B 40 -32.63 5.84 -9.66
CA GLN B 40 -32.28 4.83 -10.66
C GLN B 40 -33.42 4.50 -11.64
N ASN B 41 -34.64 4.46 -11.12
CA ASN B 41 -35.80 4.04 -11.92
C ASN B 41 -37.08 4.59 -11.29
N ASP B 42 -38.23 4.33 -11.89
CA ASP B 42 -39.45 4.96 -11.40
C ASP B 42 -39.96 4.29 -10.14
N LYS B 43 -39.37 3.15 -9.78
CA LYS B 43 -39.70 2.50 -8.51
C LYS B 43 -39.09 3.27 -7.34
N LEU B 44 -37.92 3.84 -7.56
CA LEU B 44 -37.23 4.58 -6.52
C LEU B 44 -37.52 6.07 -6.59
N ARG B 45 -38.06 6.51 -7.73
CA ARG B 45 -38.35 7.91 -7.96
C ARG B 45 -39.13 8.55 -6.80
N GLY B 46 -40.23 7.94 -6.39
CA GLY B 46 -41.08 8.51 -5.36
C GLY B 46 -40.37 8.68 -4.03
N ARG B 47 -39.61 7.67 -3.64
CA ARG B 47 -38.89 7.71 -2.37
C ARG B 47 -37.82 8.78 -2.39
N VAL B 48 -37.12 8.91 -3.51
CA VAL B 48 -36.06 9.93 -3.62
C VAL B 48 -36.67 11.32 -3.57
N GLU B 49 -37.79 11.51 -4.28
CA GLU B 49 -38.49 12.79 -4.24
C GLU B 49 -38.92 13.19 -2.83
N GLU B 50 -39.46 12.24 -2.07
CA GLU B 50 -39.85 12.55 -0.70
C GLU B 50 -38.63 12.90 0.17
N PHE B 51 -37.55 12.16 0.00
CA PHE B 51 -36.34 12.45 0.77
C PHE B 51 -35.79 13.84 0.46
N ALA B 52 -35.78 14.20 -0.82
CA ALA B 52 -35.29 15.52 -1.26
C ALA B 52 -36.02 16.65 -0.55
N SER B 53 -37.34 16.51 -0.42
CA SER B 53 -38.15 17.55 0.18
C SER B 53 -37.75 17.80 1.63
N GLY B 54 -37.25 16.76 2.31
CA GLY B 54 -36.81 16.90 3.68
C GLY B 54 -35.36 17.36 3.85
N TRP B 55 -34.63 17.44 2.75
CA TRP B 55 -33.22 17.85 2.76
C TRP B 55 -33.03 19.18 2.05
N GLY B 56 -34.05 20.04 2.14
CA GLY B 56 -33.98 21.37 1.56
C GLY B 56 -34.16 21.39 0.05
N SER B 57 -34.42 20.23 -0.53
CA SER B 57 -34.54 20.12 -1.98
C SER B 57 -36.02 19.97 -2.37
N ARG B 58 -36.27 19.55 -3.60
CA ARG B 58 -37.65 19.41 -4.07
C ARG B 58 -37.69 18.42 -5.23
N PRO B 59 -38.90 17.93 -5.56
CA PRO B 59 -38.99 16.96 -6.65
C PRO B 59 -38.43 17.42 -8.01
N GLU B 60 -38.48 18.71 -8.32
CA GLU B 60 -37.99 19.13 -9.63
C GLU B 60 -36.45 19.11 -9.69
N LEU B 61 -35.80 18.94 -8.54
CA LEU B 61 -34.35 18.77 -8.51
C LEU B 61 -33.97 17.29 -8.36
N CYS B 62 -34.90 16.41 -8.75
CA CYS B 62 -34.65 14.97 -8.82
C CYS B 62 -34.76 14.52 -10.27
N PHE B 63 -33.77 13.76 -10.74
CA PHE B 63 -33.68 13.39 -12.16
C PHE B 63 -33.46 11.90 -12.34
N PRO B 64 -34.05 11.33 -13.41
CA PRO B 64 -33.84 9.90 -13.66
C PRO B 64 -32.41 9.65 -14.09
N CYS B 65 -31.77 8.62 -13.54
CA CYS B 65 -30.45 8.24 -14.04
C CYS B 65 -30.11 6.77 -13.80
N ASP B 66 -30.20 5.98 -14.86
CA ASP B 66 -29.56 4.66 -14.87
C ASP B 66 -28.15 4.91 -15.38
N VAL B 67 -27.15 4.70 -14.52
CA VAL B 67 -25.77 5.06 -14.89
C VAL B 67 -25.16 4.10 -15.92
N ALA B 68 -25.92 3.11 -16.34
CA ALA B 68 -25.51 2.30 -17.49
C ALA B 68 -25.68 3.09 -18.79
N ASP B 69 -26.44 4.18 -18.73
CA ASP B 69 -26.94 4.87 -19.92
C ASP B 69 -26.34 6.26 -20.09
N ASP B 70 -25.43 6.41 -21.06
CA ASP B 70 -24.76 7.69 -21.27
C ASP B 70 -25.75 8.84 -21.53
N SER B 71 -26.81 8.59 -22.30
CA SER B 71 -27.71 9.67 -22.65
C SER B 71 -28.49 10.15 -21.42
N GLN B 72 -28.81 9.22 -20.52
CA GLN B 72 -29.51 9.56 -19.29
C GLN B 72 -28.61 10.41 -18.39
N ILE B 73 -27.33 10.03 -18.32
CA ILE B 73 -26.37 10.79 -17.54
C ILE B 73 -26.24 12.22 -18.07
N GLU B 74 -26.10 12.35 -19.39
CA GLU B 74 -26.00 13.68 -19.98
C GLU B 74 -27.30 14.48 -19.77
N ALA B 75 -28.43 13.80 -19.83
CA ALA B 75 -29.72 14.45 -19.63
C ALA B 75 -29.89 15.00 -18.21
N VAL B 76 -29.17 14.44 -17.24
CA VAL B 76 -29.23 14.93 -15.87
C VAL B 76 -28.66 16.33 -15.81
N PHE B 77 -27.49 16.52 -16.40
CA PHE B 77 -26.82 17.81 -16.32
C PHE B 77 -27.49 18.85 -17.21
N ALA B 78 -28.03 18.38 -18.33
CA ALA B 78 -28.84 19.24 -19.19
C ALA B 78 -30.05 19.78 -18.42
N ALA B 79 -30.75 18.89 -17.73
CA ALA B 79 -31.94 19.28 -16.94
C ALA B 79 -31.56 20.13 -15.74
N LEU B 80 -30.51 19.73 -15.01
CA LEU B 80 -30.09 20.47 -13.83
C LEU B 80 -29.66 21.90 -14.19
N GLY B 81 -29.01 22.03 -15.34
CA GLY B 81 -28.55 23.32 -15.83
C GLY B 81 -29.67 24.32 -16.08
N LYS B 82 -30.90 23.82 -16.22
CA LYS B 82 -32.09 24.68 -16.32
C LYS B 82 -32.34 25.37 -14.99
N HIS B 83 -31.84 24.76 -13.91
CA HIS B 83 -32.12 25.21 -12.56
C HIS B 83 -30.92 25.89 -11.91
N TRP B 84 -29.71 25.39 -12.21
CA TRP B 84 -28.48 25.87 -11.57
C TRP B 84 -27.50 26.35 -12.62
N ASP B 85 -26.89 27.52 -12.43
CA ASP B 85 -25.93 28.02 -13.42
C ASP B 85 -24.53 27.44 -13.21
N GLY B 86 -24.43 26.45 -12.33
CA GLY B 86 -23.15 25.80 -12.05
C GLY B 86 -23.31 24.75 -10.97
N LEU B 87 -22.30 23.90 -10.82
CA LEU B 87 -22.35 22.80 -9.85
C LEU B 87 -21.00 22.67 -9.16
N ASP B 88 -21.00 22.42 -7.85
CA ASP B 88 -19.74 22.29 -7.09
C ASP B 88 -19.36 20.86 -6.82
N ILE B 89 -20.34 20.02 -6.52
CA ILE B 89 -20.05 18.69 -5.98
C ILE B 89 -20.86 17.61 -6.67
N ILE B 90 -20.21 16.49 -6.95
CA ILE B 90 -20.94 15.28 -7.32
C ILE B 90 -20.58 14.16 -6.36
N VAL B 91 -21.60 13.56 -5.76
CA VAL B 91 -21.44 12.36 -4.94
C VAL B 91 -21.93 11.13 -5.70
N HIS B 92 -21.02 10.17 -5.87
CA HIS B 92 -21.28 8.93 -6.59
C HIS B 92 -21.33 7.80 -5.57
N SER B 93 -22.55 7.36 -5.25
CA SER B 93 -22.76 6.32 -4.24
C SER B 93 -23.63 5.21 -4.80
N VAL B 94 -23.12 4.52 -5.82
CA VAL B 94 -23.87 3.44 -6.45
C VAL B 94 -22.95 2.27 -6.77
N GLY B 95 -23.53 1.08 -6.85
CA GLY B 95 -22.81 -0.10 -7.27
C GLY B 95 -23.78 -1.18 -7.66
N PHE B 96 -23.32 -2.11 -8.48
CA PHE B 96 -24.09 -3.29 -8.82
C PHE B 96 -23.23 -4.34 -9.48
N ALA B 97 -23.50 -5.58 -9.11
CA ALA B 97 -23.05 -6.74 -9.86
C ALA B 97 -24.22 -7.72 -9.79
N PRO B 98 -24.42 -8.52 -10.86
CA PRO B 98 -25.47 -9.53 -10.78
C PRO B 98 -25.26 -10.46 -9.58
N GLY B 99 -26.35 -10.79 -8.88
CA GLY B 99 -26.27 -11.60 -7.68
C GLY B 99 -25.50 -12.90 -7.83
N ASP B 100 -25.55 -13.52 -9.01
CA ASP B 100 -24.87 -14.81 -9.16
C ASP B 100 -23.35 -14.64 -9.10
N GLN B 101 -22.86 -13.41 -9.29
CA GLN B 101 -21.42 -13.15 -9.17
C GLN B 101 -20.98 -13.16 -7.71
N LEU B 102 -21.90 -12.89 -6.79
CA LEU B 102 -21.52 -12.65 -5.39
C LEU B 102 -21.90 -13.78 -4.45
N ASP B 103 -22.10 -14.97 -4.99
CA ASP B 103 -22.55 -16.09 -4.19
C ASP B 103 -21.84 -17.37 -4.59
N GLY B 104 -20.74 -17.66 -3.93
CA GLY B 104 -19.97 -18.86 -4.24
C GLY B 104 -18.49 -18.60 -4.53
N ASP B 105 -17.81 -19.67 -4.93
CA ASP B 105 -16.39 -19.60 -5.25
C ASP B 105 -16.11 -18.60 -6.38
N PHE B 106 -15.15 -17.72 -6.16
CA PHE B 106 -14.85 -16.64 -7.11
C PHE B 106 -14.60 -17.13 -8.53
N THR B 107 -13.73 -18.13 -8.66
CA THR B 107 -13.37 -18.64 -9.98
C THR B 107 -14.59 -19.29 -10.64
N ALA B 108 -15.33 -20.07 -9.87
CA ALA B 108 -16.51 -20.78 -10.40
C ALA B 108 -17.60 -19.83 -10.90
N VAL B 109 -17.94 -18.81 -10.11
CA VAL B 109 -19.14 -18.02 -10.40
C VAL B 109 -18.89 -16.74 -11.23
N THR B 110 -17.64 -16.26 -11.29
CA THR B 110 -17.37 -15.03 -12.03
C THR B 110 -17.45 -15.29 -13.53
N THR B 111 -18.16 -14.43 -14.26
CA THR B 111 -18.23 -14.58 -15.72
C THR B 111 -17.86 -13.30 -16.41
N ARG B 112 -17.71 -13.36 -17.74
CA ARG B 112 -17.34 -12.19 -18.52
C ARG B 112 -18.41 -11.10 -18.42
N GLU B 113 -19.67 -11.52 -18.45
CA GLU B 113 -20.76 -10.57 -18.44
C GLU B 113 -20.96 -9.99 -17.04
N GLY B 114 -20.82 -10.81 -16.00
CA GLY B 114 -20.95 -10.35 -14.63
C GLY B 114 -19.85 -9.35 -14.33
N PHE B 115 -18.64 -9.69 -14.78
CA PHE B 115 -17.49 -8.79 -14.73
C PHE B 115 -17.79 -7.46 -15.44
N ARG B 116 -18.30 -7.54 -16.67
CA ARG B 116 -18.58 -6.32 -17.43
C ARG B 116 -19.53 -5.39 -16.67
N ILE B 117 -20.63 -5.96 -16.20
CA ILE B 117 -21.65 -5.20 -15.49
C ILE B 117 -21.09 -4.58 -14.21
N ALA B 118 -20.36 -5.37 -13.42
CA ALA B 118 -19.83 -4.88 -12.15
C ALA B 118 -18.94 -3.67 -12.38
N HIS B 119 -18.08 -3.75 -13.39
CA HIS B 119 -17.16 -2.64 -13.66
C HIS B 119 -17.87 -1.46 -14.31
N ASP B 120 -18.83 -1.75 -15.19
CA ASP B 120 -19.57 -0.70 -15.86
C ASP B 120 -20.32 0.16 -14.84
N ILE B 121 -21.10 -0.50 -13.98
CA ILE B 121 -21.96 0.24 -13.04
C ILE B 121 -21.16 0.78 -11.85
N SER B 122 -20.21 0.01 -11.35
CA SER B 122 -19.59 0.39 -10.08
C SER B 122 -18.35 1.27 -10.28
N ALA B 123 -17.68 1.16 -11.43
CA ALA B 123 -16.45 1.92 -11.66
C ALA B 123 -16.58 2.94 -12.80
N TYR B 124 -16.91 2.48 -14.01
CA TYR B 124 -16.95 3.42 -15.14
C TYR B 124 -17.95 4.57 -14.88
N SER B 125 -19.06 4.27 -14.22
CA SER B 125 -20.10 5.29 -14.02
C SER B 125 -19.56 6.52 -13.30
N PHE B 126 -18.54 6.35 -12.45
CA PHE B 126 -17.94 7.50 -11.77
C PHE B 126 -17.24 8.40 -12.79
N ILE B 127 -16.54 7.80 -13.74
CA ILE B 127 -15.89 8.55 -14.79
C ILE B 127 -16.94 9.26 -15.66
N ALA B 128 -18.02 8.55 -15.96
CA ALA B 128 -19.12 9.12 -16.75
C ALA B 128 -19.67 10.38 -16.11
N LEU B 129 -19.86 10.35 -14.79
CA LEU B 129 -20.37 11.54 -14.12
C LEU B 129 -19.35 12.66 -14.16
N ALA B 130 -18.08 12.33 -13.93
CA ALA B 130 -17.01 13.33 -14.00
C ALA B 130 -17.01 14.03 -15.35
N LYS B 131 -17.10 13.23 -16.41
CA LYS B 131 -17.13 13.74 -17.77
C LYS B 131 -18.33 14.64 -18.02
N ALA B 132 -19.53 14.14 -17.71
CA ALA B 132 -20.75 14.84 -18.06
C ALA B 132 -20.92 16.13 -17.24
N GLY B 133 -20.37 16.16 -16.04
CA GLY B 133 -20.50 17.30 -15.16
C GLY B 133 -19.37 18.32 -15.26
N ARG B 134 -18.40 18.03 -16.12
CA ARG B 134 -17.20 18.87 -16.19
C ARG B 134 -17.50 20.33 -16.54
N GLU B 135 -18.36 20.56 -17.53
CA GLU B 135 -18.73 21.94 -17.89
C GLU B 135 -19.40 22.70 -16.74
N MET B 136 -20.37 22.07 -16.08
CA MET B 136 -21.08 22.76 -14.99
C MET B 136 -20.14 23.06 -13.82
N MET B 137 -19.11 22.25 -13.66
CA MET B 137 -18.16 22.41 -12.55
C MET B 137 -16.99 23.35 -12.89
N LYS B 138 -16.91 23.78 -14.15
CA LYS B 138 -15.76 24.55 -14.63
C LYS B 138 -15.61 25.84 -13.85
N GLY B 139 -14.42 26.06 -13.29
CA GLY B 139 -14.09 27.28 -12.61
C GLY B 139 -14.63 27.42 -11.20
N ARG B 140 -15.27 26.38 -10.68
CA ARG B 140 -15.84 26.48 -9.35
C ARG B 140 -14.98 25.87 -8.24
N ASN B 141 -13.83 25.29 -8.62
CA ASN B 141 -12.96 24.58 -7.68
C ASN B 141 -13.78 23.61 -6.81
N GLY B 142 -14.50 22.72 -7.47
CA GLY B 142 -15.40 21.80 -6.79
C GLY B 142 -14.73 20.48 -6.51
N SER B 143 -15.56 19.45 -6.36
CA SER B 143 -15.02 18.14 -5.99
C SER B 143 -15.97 17.01 -6.34
N LEU B 144 -15.38 15.83 -6.51
CA LEU B 144 -16.09 14.60 -6.79
C LEU B 144 -15.81 13.65 -5.66
N LEU B 145 -16.81 12.87 -5.26
CA LEU B 145 -16.67 11.89 -4.21
C LEU B 145 -17.27 10.55 -4.65
N THR B 146 -16.54 9.47 -4.46
CA THR B 146 -17.15 8.15 -4.64
C THR B 146 -17.00 7.30 -3.37
N LEU B 147 -17.59 6.11 -3.39
CA LEU B 147 -17.53 5.20 -2.25
C LEU B 147 -16.86 3.89 -2.63
N SER B 148 -15.90 3.47 -1.81
CA SER B 148 -15.26 2.19 -2.04
C SER B 148 -15.30 1.28 -0.80
N TYR B 149 -14.63 0.15 -0.93
CA TYR B 149 -14.63 -0.86 0.11
C TYR B 149 -13.32 -1.63 0.11
N LEU B 150 -12.89 -2.04 1.29
CA LEU B 150 -11.62 -2.75 1.52
C LEU B 150 -11.40 -3.93 0.57
N GLY B 151 -12.51 -4.49 0.07
CA GLY B 151 -12.46 -5.59 -0.87
C GLY B 151 -11.62 -5.30 -2.10
N ALA B 152 -11.41 -4.02 -2.39
CA ALA B 152 -10.48 -3.61 -3.45
C ALA B 152 -9.05 -4.08 -3.15
N GLU B 153 -8.65 -4.06 -1.88
CA GLU B 153 -7.25 -4.32 -1.53
C GLU B 153 -7.00 -5.74 -1.03
N ARG B 154 -7.94 -6.29 -0.28
CA ARG B 154 -7.78 -7.61 0.31
C ARG B 154 -9.09 -8.37 0.25
N THR B 155 -9.01 -9.70 0.24
CA THR B 155 -10.14 -10.53 -0.14
C THR B 155 -10.99 -11.01 1.03
N MET B 156 -12.23 -11.35 0.71
CA MET B 156 -13.16 -11.91 1.67
C MET B 156 -14.13 -12.75 0.85
N PRO B 157 -14.80 -13.73 1.48
CA PRO B 157 -15.78 -14.54 0.74
C PRO B 157 -16.84 -13.68 0.02
N ASN B 158 -17.26 -14.15 -1.15
CA ASN B 158 -18.41 -13.61 -1.92
C ASN B 158 -18.32 -12.21 -2.51
N TYR B 159 -17.49 -11.32 -1.95
CA TYR B 159 -17.42 -9.95 -2.51
C TYR B 159 -16.91 -10.06 -3.93
N ASN B 160 -15.98 -10.97 -4.16
CA ASN B 160 -15.63 -11.46 -5.50
C ASN B 160 -15.35 -10.36 -6.53
N VAL B 161 -16.05 -10.39 -7.66
CA VAL B 161 -15.72 -9.45 -8.73
C VAL B 161 -16.01 -7.99 -8.33
N MET B 162 -16.80 -7.75 -7.28
CA MET B 162 -16.98 -6.38 -6.83
C MET B 162 -15.66 -5.81 -6.29
N GLY B 163 -14.79 -6.68 -5.77
CA GLY B 163 -13.45 -6.27 -5.37
C GLY B 163 -12.61 -5.77 -6.54
N MET B 164 -12.70 -6.46 -7.67
CA MET B 164 -12.02 -6.03 -8.88
C MET B 164 -12.56 -4.68 -9.35
N ALA B 165 -13.87 -4.53 -9.33
CA ALA B 165 -14.50 -3.28 -9.76
C ALA B 165 -14.12 -2.13 -8.84
N LYS B 166 -14.01 -2.40 -7.53
CA LYS B 166 -13.64 -1.34 -6.61
C LYS B 166 -12.18 -0.94 -6.82
N ALA B 167 -11.32 -1.90 -7.12
CA ALA B 167 -9.91 -1.61 -7.35
C ALA B 167 -9.80 -0.70 -8.56
N SER B 168 -10.59 -1.03 -9.59
CA SER B 168 -10.66 -0.19 -10.77
C SER B 168 -11.11 1.23 -10.41
N LEU B 169 -12.18 1.32 -9.63
CA LEU B 169 -12.71 2.61 -9.18
C LEU B 169 -11.67 3.45 -8.46
N GLU B 170 -10.94 2.86 -7.51
CA GLU B 170 -9.93 3.63 -6.79
C GLU B 170 -8.80 4.14 -7.72
N ALA B 171 -8.37 3.33 -8.69
CA ALA B 171 -7.44 3.84 -9.71
C ALA B 171 -8.10 5.00 -10.46
N GLY B 172 -9.40 4.86 -10.73
CA GLY B 172 -10.18 5.93 -11.35
C GLY B 172 -10.12 7.23 -10.56
N VAL B 173 -10.19 7.12 -9.24
CA VAL B 173 -10.11 8.29 -8.38
C VAL B 173 -8.79 9.02 -8.63
N ARG B 174 -7.71 8.26 -8.71
CA ARG B 174 -6.40 8.84 -8.93
C ARG B 174 -6.24 9.44 -10.33
N TYR B 175 -6.72 8.73 -11.35
CA TYR B 175 -6.56 9.22 -12.72
C TYR B 175 -7.44 10.46 -12.93
N LEU B 176 -8.65 10.47 -12.37
CA LEU B 176 -9.49 11.67 -12.42
C LEU B 176 -8.81 12.84 -11.72
N ALA B 177 -8.26 12.58 -10.53
CA ALA B 177 -7.59 13.64 -9.77
C ALA B 177 -6.44 14.22 -10.61
N GLY B 178 -5.68 13.34 -11.25
CA GLY B 178 -4.53 13.76 -12.04
C GLY B 178 -4.94 14.57 -13.27
N SER B 179 -6.13 14.28 -13.78
CA SER B 179 -6.67 14.96 -14.98
C SER B 179 -7.36 16.29 -14.64
N LEU B 180 -8.23 16.27 -13.64
CA LEU B 180 -9.10 17.41 -13.37
C LEU B 180 -8.50 18.44 -12.41
N GLY B 181 -7.39 18.08 -11.76
CA GLY B 181 -6.78 18.91 -10.75
C GLY B 181 -6.32 20.28 -11.24
N ALA B 182 -5.75 20.32 -12.44
CA ALA B 182 -5.19 21.56 -12.95
C ALA B 182 -6.28 22.63 -13.08
N GLU B 183 -7.50 22.22 -13.45
CA GLU B 183 -8.60 23.16 -13.57
C GLU B 183 -9.36 23.36 -12.25
N GLY B 184 -8.89 22.73 -11.18
CA GLY B 184 -9.36 23.03 -9.85
C GLY B 184 -10.24 22.00 -9.16
N THR B 185 -10.57 20.92 -9.84
CA THR B 185 -11.44 19.89 -9.24
C THR B 185 -10.65 18.87 -8.43
N ARG B 186 -11.07 18.64 -7.18
CA ARG B 186 -10.50 17.58 -6.36
C ARG B 186 -11.34 16.30 -6.47
N VAL B 187 -10.69 15.15 -6.36
CA VAL B 187 -11.40 13.87 -6.51
C VAL B 187 -10.98 12.89 -5.41
N ASN B 188 -11.94 12.41 -4.62
CA ASN B 188 -11.62 11.57 -3.47
C ASN B 188 -12.65 10.46 -3.29
N ALA B 189 -12.34 9.50 -2.42
CA ALA B 189 -13.34 8.51 -2.01
C ALA B 189 -13.33 8.29 -0.52
N VAL B 190 -14.47 7.85 -0.02
CA VAL B 190 -14.51 7.23 1.28
C VAL B 190 -14.60 5.72 1.10
N SER B 191 -13.70 4.99 1.77
CA SER B 191 -13.81 3.54 1.86
C SER B 191 -14.48 3.22 3.18
N ALA B 192 -15.76 2.88 3.15
CA ALA B 192 -16.53 2.67 4.37
C ALA B 192 -16.41 1.24 4.88
N GLY B 193 -16.50 1.09 6.21
CA GLY B 193 -16.72 -0.21 6.80
C GLY B 193 -18.12 -0.71 6.45
N PRO B 194 -18.41 -1.96 6.82
CA PRO B 194 -19.70 -2.55 6.50
C PRO B 194 -20.85 -1.87 7.25
N ILE B 195 -21.92 -1.57 6.51
CA ILE B 195 -23.11 -0.91 7.04
C ILE B 195 -24.34 -1.61 6.48
N ARG B 196 -25.35 -1.87 7.29
CA ARG B 196 -26.54 -2.56 6.76
C ARG B 196 -27.32 -1.61 5.85
N THR B 197 -27.30 -1.91 4.56
CA THR B 197 -28.02 -1.13 3.56
C THR B 197 -28.78 -2.13 2.70
N LEU B 198 -29.64 -1.64 1.79
CA LEU B 198 -30.33 -2.52 0.86
C LEU B 198 -29.34 -3.37 0.09
N ALA B 199 -28.30 -2.72 -0.46
CA ALA B 199 -27.35 -3.45 -1.28
C ALA B 199 -26.54 -4.44 -0.44
N ALA B 200 -26.20 -4.06 0.79
CA ALA B 200 -25.46 -4.96 1.67
C ALA B 200 -26.23 -6.26 1.93
N SER B 201 -27.55 -6.16 2.05
CA SER B 201 -28.37 -7.32 2.40
C SER B 201 -28.34 -8.35 1.27
N GLY B 202 -27.88 -7.94 0.10
CA GLY B 202 -27.81 -8.83 -1.05
C GLY B 202 -26.59 -9.74 -1.04
N ILE B 203 -25.60 -9.40 -0.21
CA ILE B 203 -24.42 -10.25 -0.05
C ILE B 203 -24.72 -11.29 1.03
N LYS B 204 -24.72 -12.55 0.61
CA LYS B 204 -25.19 -13.67 1.41
C LYS B 204 -24.52 -13.74 2.80
N SER B 205 -23.26 -13.37 2.85
CA SER B 205 -22.47 -13.48 4.07
C SER B 205 -22.19 -12.13 4.71
N PHE B 206 -22.98 -11.12 4.38
CA PHE B 206 -22.72 -9.77 4.88
C PHE B 206 -22.58 -9.70 6.41
N ARG B 207 -23.46 -10.42 7.13
CA ARG B 207 -23.39 -10.39 8.59
C ARG B 207 -22.04 -10.89 9.14
N LYS B 208 -21.36 -11.76 8.39
CA LYS B 208 -20.04 -12.22 8.81
C LYS B 208 -19.02 -11.09 8.66
N MET B 209 -19.17 -10.29 7.61
CA MET B 209 -18.34 -9.09 7.44
C MET B 209 -18.57 -8.09 8.57
N LEU B 210 -19.84 -7.82 8.87
CA LEU B 210 -20.23 -6.98 10.01
C LEU B 210 -19.57 -7.44 11.29
N ALA B 211 -19.65 -8.75 11.53
CA ALA B 211 -19.16 -9.33 12.77
C ALA B 211 -17.65 -9.21 12.88
N ALA B 212 -16.95 -9.50 11.78
CA ALA B 212 -15.49 -9.41 11.78
C ALA B 212 -15.02 -7.97 12.06
N ASN B 213 -15.66 -7.01 11.40
CA ASN B 213 -15.37 -5.61 11.61
C ASN B 213 -15.64 -5.23 13.07
N GLU B 214 -16.78 -5.63 13.61
CA GLU B 214 -17.13 -5.29 14.96
C GLU B 214 -16.11 -5.78 15.99
N ARG B 215 -15.65 -7.01 15.82
CA ARG B 215 -14.79 -7.62 16.83
C ARG B 215 -13.31 -7.25 16.68
N GLN B 216 -12.90 -6.87 15.47
CA GLN B 216 -11.48 -6.67 15.17
C GLN B 216 -11.09 -5.20 14.93
N THR B 217 -12.06 -4.36 14.57
CA THR B 217 -11.76 -2.94 14.34
C THR B 217 -11.31 -2.27 15.64
N PRO B 218 -10.33 -1.34 15.57
CA PRO B 218 -9.81 -0.68 16.77
C PRO B 218 -10.89 -0.08 17.68
N LEU B 219 -11.92 0.51 17.08
CA LEU B 219 -12.99 1.14 17.84
C LEU B 219 -13.96 0.13 18.46
N ARG B 220 -13.85 -1.12 18.04
CA ARG B 220 -14.71 -2.21 18.54
C ARG B 220 -16.21 -1.93 18.35
N ARG B 221 -16.54 -1.21 17.29
CA ARG B 221 -17.93 -1.04 16.92
C ARG B 221 -17.98 -0.72 15.44
N ASN B 222 -19.15 -0.86 14.83
CA ASN B 222 -19.26 -0.61 13.40
C ASN B 222 -19.62 0.85 13.19
N VAL B 223 -19.35 1.36 11.99
CA VAL B 223 -19.57 2.77 11.69
C VAL B 223 -21.01 3.01 11.20
N THR B 224 -21.39 4.28 11.12
CA THR B 224 -22.74 4.69 10.73
C THR B 224 -22.70 5.52 9.45
N ILE B 225 -23.85 5.66 8.79
CA ILE B 225 -23.92 6.53 7.61
C ILE B 225 -23.76 7.99 8.03
N GLU B 226 -23.97 8.29 9.31
CA GLU B 226 -23.72 9.64 9.80
C GLU B 226 -22.21 9.90 9.78
N GLU B 227 -21.43 8.91 10.20
CA GLU B 227 -19.98 9.04 10.21
C GLU B 227 -19.40 9.06 8.79
N VAL B 228 -19.96 8.22 7.92
CA VAL B 228 -19.52 8.27 6.52
C VAL B 228 -19.92 9.61 5.89
N GLY B 229 -21.13 10.08 6.20
CA GLY B 229 -21.61 11.33 5.61
C GLY B 229 -20.78 12.53 6.06
N ASN B 230 -20.35 12.54 7.32
CA ASN B 230 -19.52 13.64 7.81
C ASN B 230 -18.18 13.68 7.10
N ALA B 231 -17.57 12.51 6.93
CA ALA B 231 -16.30 12.41 6.21
C ALA B 231 -16.44 12.87 4.76
N GLY B 232 -17.52 12.44 4.12
CA GLY B 232 -17.77 12.81 2.74
C GLY B 232 -18.07 14.29 2.63
N ALA B 233 -18.84 14.84 3.57
CA ALA B 233 -19.10 16.28 3.60
C ALA B 233 -17.78 17.05 3.71
N PHE B 234 -16.92 16.61 4.63
CA PHE B 234 -15.61 17.23 4.80
C PHE B 234 -14.79 17.20 3.50
N LEU B 235 -14.72 16.03 2.88
CA LEU B 235 -13.89 15.88 1.68
C LEU B 235 -14.38 16.79 0.56
N CYS B 236 -15.68 17.07 0.54
CA CYS B 236 -16.24 17.90 -0.53
C CYS B 236 -16.34 19.38 -0.14
N SER B 237 -15.68 19.75 0.95
CA SER B 237 -15.68 21.12 1.42
C SER B 237 -14.34 21.79 1.21
N ASP B 238 -14.30 23.12 1.35
CA ASP B 238 -13.06 23.86 1.17
C ASP B 238 -12.08 23.59 2.33
N LEU B 239 -12.58 23.02 3.43
CA LEU B 239 -11.70 22.53 4.50
C LEU B 239 -10.70 21.49 3.99
N ALA B 240 -11.09 20.77 2.94
CA ALA B 240 -10.28 19.70 2.38
C ALA B 240 -9.55 20.13 1.09
N SER B 241 -9.32 21.43 0.92
CA SER B 241 -8.78 21.95 -0.34
C SER B 241 -7.36 21.48 -0.64
N GLY B 242 -6.68 20.91 0.35
CA GLY B 242 -5.35 20.34 0.13
C GLY B 242 -5.37 18.83 -0.15
N ILE B 243 -6.56 18.25 -0.25
CA ILE B 243 -6.69 16.79 -0.36
C ILE B 243 -7.29 16.38 -1.71
N SER B 244 -6.57 15.56 -2.47
CA SER B 244 -7.11 15.02 -3.71
C SER B 244 -6.48 13.67 -4.03
N GLY B 245 -7.23 12.83 -4.74
CA GLY B 245 -6.77 11.50 -5.12
C GLY B 245 -6.76 10.53 -3.96
N GLU B 246 -7.42 10.89 -2.87
CA GLU B 246 -7.32 10.13 -1.62
C GLU B 246 -8.44 9.10 -1.44
N ILE B 247 -8.08 7.94 -0.88
CA ILE B 247 -9.07 6.98 -0.40
C ILE B 247 -9.09 7.04 1.14
N LEU B 248 -10.06 7.76 1.68
CA LEU B 248 -10.21 7.93 3.12
C LEU B 248 -11.05 6.81 3.75
N TYR B 249 -10.40 5.98 4.57
CA TYR B 249 -11.13 4.92 5.29
C TYR B 249 -11.98 5.45 6.44
N VAL B 250 -13.24 5.01 6.48
CA VAL B 250 -14.14 5.30 7.61
C VAL B 250 -14.70 3.94 8.03
N ASP B 251 -13.88 3.20 8.76
CA ASP B 251 -14.19 1.82 9.11
C ASP B 251 -13.74 1.51 10.53
N GLY B 252 -13.50 2.59 11.29
CA GLY B 252 -13.03 2.48 12.66
C GLY B 252 -11.59 2.02 12.79
N GLY B 253 -10.90 1.91 11.67
CA GLY B 253 -9.54 1.41 11.62
C GLY B 253 -9.36 -0.06 11.26
N PHE B 254 -10.45 -0.75 10.88
CA PHE B 254 -10.36 -2.18 10.58
C PHE B 254 -9.27 -2.49 9.55
N ASN B 255 -9.13 -1.62 8.57
CA ASN B 255 -8.20 -1.85 7.47
C ASN B 255 -6.75 -1.89 7.92
N THR B 256 -6.50 -1.40 9.14
CA THR B 256 -5.13 -1.33 9.65
C THR B 256 -4.81 -2.55 10.51
N THR B 257 -5.75 -3.49 10.57
CA THR B 257 -5.57 -4.68 11.41
C THR B 257 -5.36 -5.95 10.58
N ALA B 258 -4.63 -6.91 11.13
CA ALA B 258 -4.48 -8.19 10.47
C ALA B 258 -5.14 -9.28 11.30
N MET B 259 -5.15 -9.12 12.61
CA MET B 259 -5.80 -10.10 13.48
C MET B 259 -6.73 -9.42 14.47
N GLY B 260 -6.32 -8.27 15.00
CA GLY B 260 -7.16 -7.42 15.84
C GLY B 260 -8.07 -8.11 16.85
N GLY C 2 24.19 -24.90 -8.66
CA GLY C 2 22.88 -24.26 -8.69
C GLY C 2 22.97 -22.81 -9.14
N PHE C 3 21.91 -22.04 -8.92
CA PHE C 3 21.88 -20.67 -9.45
C PHE C 3 22.66 -19.70 -8.56
N LEU C 4 23.37 -20.22 -7.57
CA LEU C 4 24.25 -19.39 -6.76
C LEU C 4 25.73 -19.82 -6.81
N THR C 5 26.07 -20.84 -7.60
CA THR C 5 27.47 -21.26 -7.71
C THR C 5 28.31 -20.09 -8.21
N GLY C 6 29.41 -19.81 -7.50
CA GLY C 6 30.25 -18.66 -7.82
C GLY C 6 30.10 -17.50 -6.84
N LYS C 7 29.00 -17.50 -6.08
CA LYS C 7 28.71 -16.44 -5.13
C LYS C 7 29.24 -16.76 -3.73
N ARG C 8 29.54 -15.71 -2.97
CA ARG C 8 29.91 -15.83 -1.56
C ARG C 8 28.95 -15.00 -0.69
N ALA C 9 28.40 -15.65 0.33
CA ALA C 9 27.38 -15.04 1.21
C ALA C 9 27.75 -15.07 2.69
N LEU C 10 27.47 -13.97 3.37
CA LEU C 10 27.57 -13.89 4.82
C LEU C 10 26.16 -14.01 5.43
N ILE C 11 25.98 -14.97 6.33
CA ILE C 11 24.68 -15.23 6.94
C ILE C 11 24.70 -14.80 8.40
N VAL C 12 23.85 -13.84 8.74
CA VAL C 12 23.75 -13.31 10.10
C VAL C 12 22.39 -13.71 10.68
N GLY C 13 22.38 -14.56 11.70
CA GLY C 13 21.12 -14.89 12.36
C GLY C 13 20.81 -16.35 12.62
N VAL C 14 21.72 -17.26 12.31
CA VAL C 14 21.52 -18.66 12.67
C VAL C 14 21.55 -18.84 14.20
N ALA C 15 20.52 -19.48 14.76
CA ALA C 15 20.49 -19.82 16.19
C ALA C 15 20.24 -21.32 16.41
N SER C 16 19.31 -21.88 15.65
CA SER C 16 19.00 -23.31 15.74
C SER C 16 18.64 -23.89 14.38
N LYS C 17 18.40 -25.19 14.33
CA LYS C 17 17.93 -25.87 13.11
C LYS C 17 16.63 -25.26 12.59
N LEU C 18 15.87 -24.63 13.49
CA LEU C 18 14.58 -24.03 13.14
C LEU C 18 14.68 -22.64 12.54
N SER C 19 15.83 -21.98 12.71
CA SER C 19 15.98 -20.58 12.31
C SER C 19 15.67 -20.34 10.83
N ILE C 20 15.02 -19.21 10.53
CA ILE C 20 14.83 -18.83 9.14
C ILE C 20 16.20 -18.68 8.46
N ALA C 21 17.19 -18.19 9.20
CA ALA C 21 18.53 -18.06 8.63
C ALA C 21 19.09 -19.44 8.25
N SER C 22 18.70 -20.48 8.98
CA SER C 22 19.14 -21.84 8.63
C SER C 22 18.46 -22.34 7.36
N GLY C 23 17.19 -22.01 7.18
CA GLY C 23 16.48 -22.37 5.97
C GLY C 23 17.13 -21.68 4.78
N ILE C 24 17.50 -20.41 4.97
CA ILE C 24 18.16 -19.67 3.90
C ILE C 24 19.56 -20.23 3.60
N ALA C 25 20.34 -20.47 4.65
CA ALA C 25 21.68 -21.03 4.51
C ALA C 25 21.64 -22.37 3.75
N ALA C 26 20.70 -23.23 4.11
CA ALA C 26 20.57 -24.54 3.47
C ALA C 26 20.21 -24.41 1.99
N ALA C 27 19.28 -23.51 1.67
CA ALA C 27 18.92 -23.30 0.28
C ALA C 27 20.12 -22.75 -0.49
N MET C 28 20.80 -21.76 0.07
CA MET C 28 21.92 -21.15 -0.65
C MET C 28 23.07 -22.14 -0.84
N HIS C 29 23.34 -22.94 0.17
CA HIS C 29 24.35 -23.99 0.04
C HIS C 29 23.96 -24.99 -1.05
N ARG C 30 22.71 -25.45 -1.02
CA ARG C 30 22.19 -26.35 -2.04
C ARG C 30 22.41 -25.79 -3.44
N GLU C 31 22.23 -24.48 -3.58
CA GLU C 31 22.31 -23.82 -4.88
C GLU C 31 23.73 -23.38 -5.24
N GLY C 32 24.69 -23.70 -4.39
CA GLY C 32 26.09 -23.54 -4.76
C GLY C 32 26.86 -22.41 -4.13
N ALA C 33 26.20 -21.61 -3.29
CA ALA C 33 26.89 -20.52 -2.61
C ALA C 33 27.95 -21.03 -1.63
N GLU C 34 29.05 -20.28 -1.50
CA GLU C 34 30.00 -20.47 -0.41
C GLU C 34 29.56 -19.58 0.75
N LEU C 35 29.46 -20.16 1.94
CA LEU C 35 28.87 -19.46 3.09
C LEU C 35 29.85 -19.13 4.22
N ALA C 36 29.68 -17.94 4.81
CA ALA C 36 30.32 -17.60 6.08
C ALA C 36 29.18 -17.23 7.04
N PHE C 37 29.48 -17.20 8.33
CA PHE C 37 28.43 -17.02 9.34
C PHE C 37 28.84 -16.10 10.48
N THR C 38 27.86 -15.49 11.12
CA THR C 38 28.10 -14.85 12.41
C THR C 38 27.29 -15.55 13.49
N TYR C 39 27.77 -15.45 14.73
CA TYR C 39 26.96 -15.89 15.86
C TYR C 39 26.87 -14.75 16.87
N GLN C 40 25.70 -14.57 17.46
CA GLN C 40 25.43 -13.42 18.32
C GLN C 40 26.42 -13.28 19.47
N ASN C 41 26.71 -14.41 20.12
CA ASN C 41 27.64 -14.43 21.26
C ASN C 41 28.06 -15.87 21.51
N ASP C 42 28.84 -16.13 22.55
CA ASP C 42 29.38 -17.48 22.72
C ASP C 42 28.33 -18.52 23.09
N LYS C 43 27.12 -18.12 23.46
CA LYS C 43 26.06 -19.10 23.69
C LYS C 43 25.65 -19.81 22.40
N LEU C 44 25.85 -19.14 21.27
CA LEU C 44 25.44 -19.72 19.98
C LEU C 44 26.61 -20.17 19.09
N ARG C 45 27.84 -19.90 19.53
CA ARG C 45 29.03 -20.23 18.76
C ARG C 45 29.14 -21.70 18.38
N GLY C 46 28.92 -22.59 19.34
CA GLY C 46 29.07 -24.01 19.13
C GLY C 46 28.11 -24.52 18.08
N ARG C 47 26.84 -24.13 18.22
CA ARG C 47 25.82 -24.56 17.28
C ARG C 47 26.04 -23.99 15.87
N VAL C 48 26.36 -22.71 15.78
CA VAL C 48 26.63 -22.11 14.48
C VAL C 48 27.85 -22.76 13.78
N GLU C 49 28.90 -23.02 14.55
CA GLU C 49 30.08 -23.68 13.98
C GLU C 49 29.72 -25.09 13.49
N GLU C 50 28.89 -25.79 14.26
CA GLU C 50 28.45 -27.12 13.87
C GLU C 50 27.69 -27.06 12.55
N PHE C 51 26.70 -26.18 12.49
CA PHE C 51 25.86 -26.07 11.32
C PHE C 51 26.66 -25.64 10.09
N ALA C 52 27.57 -24.69 10.27
CA ALA C 52 28.40 -24.19 9.16
C ALA C 52 29.15 -25.32 8.47
N SER C 53 29.67 -26.26 9.28
CA SER C 53 30.42 -27.39 8.73
C SER C 53 29.54 -28.31 7.89
N GLY C 54 28.23 -28.30 8.15
CA GLY C 54 27.28 -29.06 7.35
C GLY C 54 26.85 -28.33 6.08
N TRP C 55 27.21 -27.06 5.98
CA TRP C 55 26.81 -26.23 4.84
C TRP C 55 28.04 -25.79 4.03
N GLY C 56 29.02 -26.68 3.93
CA GLY C 56 30.20 -26.43 3.13
C GLY C 56 31.19 -25.44 3.71
N SER C 57 30.95 -25.04 4.96
CA SER C 57 31.74 -24.00 5.60
C SER C 57 32.55 -24.58 6.76
N ARG C 58 33.10 -23.72 7.60
CA ARG C 58 33.98 -24.18 8.68
C ARG C 58 34.07 -23.13 9.78
N PRO C 59 34.53 -23.53 10.99
CA PRO C 59 34.60 -22.58 12.10
C PRO C 59 35.39 -21.29 11.83
N GLU C 60 36.42 -21.33 10.97
CA GLU C 60 37.21 -20.12 10.71
C GLU C 60 36.47 -19.13 9.83
N LEU C 61 35.34 -19.54 9.28
CA LEU C 61 34.46 -18.63 8.55
C LEU C 61 33.20 -18.29 9.39
N CYS C 62 33.33 -18.46 10.71
CA CYS C 62 32.27 -18.08 11.65
C CYS C 62 32.82 -17.03 12.60
N PHE C 63 32.08 -15.94 12.78
CA PHE C 63 32.59 -14.79 13.52
C PHE C 63 31.59 -14.30 14.56
N PRO C 64 32.09 -13.84 15.71
CA PRO C 64 31.18 -13.27 16.70
C PRO C 64 30.64 -11.93 16.22
N CYS C 65 29.34 -11.70 16.40
CA CYS C 65 28.77 -10.40 16.05
C CYS C 65 27.48 -10.14 16.84
N ASP C 66 27.59 -9.29 17.86
CA ASP C 66 26.43 -8.71 18.48
C ASP C 66 26.16 -7.42 17.71
N VAL C 67 25.04 -7.32 17.02
CA VAL C 67 24.82 -6.19 16.12
C VAL C 67 24.47 -4.89 16.84
N ALA C 68 24.51 -4.90 18.16
CA ALA C 68 24.44 -3.67 18.92
C ALA C 68 25.76 -2.92 18.86
N ASP C 69 26.82 -3.63 18.45
CA ASP C 69 28.20 -3.16 18.63
C ASP C 69 28.91 -2.90 17.30
N ASP C 70 29.11 -1.63 16.97
CA ASP C 70 29.72 -1.25 15.69
C ASP C 70 31.08 -1.90 15.48
N SER C 71 31.88 -2.01 16.54
CA SER C 71 33.24 -2.51 16.38
C SER C 71 33.23 -4.01 16.11
N GLN C 72 32.30 -4.74 16.71
CA GLN C 72 32.16 -6.16 16.41
C GLN C 72 31.75 -6.37 14.96
N ILE C 73 30.82 -5.54 14.49
CA ILE C 73 30.36 -5.60 13.10
C ILE C 73 31.51 -5.36 12.16
N GLU C 74 32.25 -4.28 12.38
CA GLU C 74 33.40 -3.96 11.52
C GLU C 74 34.47 -5.04 11.58
N ALA C 75 34.63 -5.68 12.74
CA ALA C 75 35.63 -6.75 12.89
C ALA C 75 35.26 -8.03 12.15
N VAL C 76 33.97 -8.23 11.89
CA VAL C 76 33.55 -9.36 11.07
C VAL C 76 34.14 -9.27 9.67
N PHE C 77 33.99 -8.11 9.04
CA PHE C 77 34.45 -7.93 7.67
C PHE C 77 35.96 -7.85 7.58
N ALA C 78 36.60 -7.29 8.60
CA ALA C 78 38.06 -7.28 8.65
C ALA C 78 38.58 -8.72 8.70
N ALA C 79 38.00 -9.53 9.58
CA ALA C 79 38.40 -10.91 9.73
C ALA C 79 38.07 -11.74 8.49
N LEU C 80 36.87 -11.55 7.93
CA LEU C 80 36.44 -12.28 6.75
C LEU C 80 37.28 -11.93 5.52
N GLY C 81 37.69 -10.67 5.43
CA GLY C 81 38.46 -10.19 4.29
C GLY C 81 39.87 -10.75 4.22
N LYS C 82 40.23 -11.55 5.21
CA LYS C 82 41.54 -12.20 5.23
C LYS C 82 41.39 -13.60 4.66
N HIS C 83 40.15 -14.03 4.44
CA HIS C 83 39.87 -15.30 3.77
C HIS C 83 39.26 -15.06 2.39
N TRP C 84 38.47 -13.99 2.27
CA TRP C 84 37.73 -13.73 1.04
C TRP C 84 38.14 -12.42 0.38
N ASP C 85 38.36 -12.49 -0.93
CA ASP C 85 38.60 -11.34 -1.79
C ASP C 85 37.58 -10.23 -1.60
N GLY C 86 36.31 -10.62 -1.66
CA GLY C 86 35.21 -9.69 -1.56
C GLY C 86 34.00 -10.52 -1.16
N LEU C 87 32.82 -9.91 -1.28
CA LEU C 87 31.61 -10.54 -0.76
C LEU C 87 30.45 -10.21 -1.69
N ASP C 88 29.64 -11.21 -2.04
CA ASP C 88 28.49 -10.99 -2.92
C ASP C 88 27.19 -10.70 -2.17
N ILE C 89 26.99 -11.40 -1.06
CA ILE C 89 25.70 -11.46 -0.37
C ILE C 89 25.80 -11.24 1.14
N ILE C 90 24.93 -10.41 1.71
CA ILE C 90 24.69 -10.43 3.16
C ILE C 90 23.22 -10.73 3.47
N VAL C 91 23.00 -11.76 4.29
CA VAL C 91 21.67 -12.12 4.76
C VAL C 91 21.54 -11.67 6.23
N HIS C 92 20.55 -10.82 6.48
CA HIS C 92 20.34 -10.22 7.80
C HIS C 92 19.05 -10.82 8.33
N SER C 93 19.19 -11.74 9.30
CA SER C 93 18.04 -12.49 9.82
C SER C 93 18.07 -12.44 11.36
N VAL C 94 17.87 -11.24 11.88
CA VAL C 94 18.09 -10.92 13.28
C VAL C 94 16.98 -10.01 13.79
N GLY C 95 16.49 -10.28 14.99
CA GLY C 95 15.49 -9.40 15.59
C GLY C 95 15.55 -9.52 17.09
N PHE C 96 15.21 -8.44 17.79
CA PHE C 96 15.08 -8.49 19.24
C PHE C 96 14.32 -7.29 19.79
N ALA C 97 13.49 -7.57 20.80
CA ALA C 97 12.94 -6.57 21.68
C ALA C 97 12.88 -7.22 23.06
N PRO C 98 13.08 -6.41 24.13
CA PRO C 98 12.92 -6.98 25.48
C PRO C 98 11.55 -7.64 25.64
N GLY C 99 11.55 -8.82 26.25
CA GLY C 99 10.36 -9.65 26.34
C GLY C 99 9.09 -8.95 26.81
N ASP C 100 9.22 -8.06 27.79
CA ASP C 100 8.02 -7.40 28.34
C ASP C 100 7.37 -6.43 27.34
N GLN C 101 8.09 -6.08 26.27
CA GLN C 101 7.51 -5.22 25.23
C GLN C 101 6.45 -5.96 24.41
N LEU C 102 6.51 -7.30 24.40
CA LEU C 102 5.66 -8.08 23.52
C LEU C 102 4.60 -8.87 24.29
N ASP C 103 4.23 -8.38 25.47
CA ASP C 103 3.25 -9.08 26.28
C ASP C 103 2.30 -8.09 26.90
N GLY C 104 1.16 -7.87 26.23
CA GLY C 104 0.12 -7.03 26.77
C GLY C 104 -0.20 -5.83 25.91
N ASP C 105 -0.95 -4.89 26.48
CA ASP C 105 -1.41 -3.70 25.77
C ASP C 105 -0.26 -2.87 25.24
N PHE C 106 -0.28 -2.57 23.95
CA PHE C 106 0.81 -1.82 23.32
C PHE C 106 1.16 -0.54 24.10
N THR C 107 0.15 0.28 24.38
CA THR C 107 0.39 1.58 25.00
C THR C 107 0.98 1.41 26.41
N ALA C 108 0.44 0.47 27.18
CA ALA C 108 0.87 0.29 28.56
C ALA C 108 2.30 -0.26 28.67
N VAL C 109 2.64 -1.26 27.85
CA VAL C 109 3.91 -1.96 28.05
C VAL C 109 5.11 -1.40 27.25
N THR C 110 4.85 -0.63 26.20
CA THR C 110 5.96 -0.08 25.40
C THR C 110 6.68 1.04 26.15
N THR C 111 8.01 0.97 26.17
CA THR C 111 8.83 1.99 26.84
C THR C 111 9.88 2.54 25.90
N ARG C 112 10.44 3.70 26.27
CA ARG C 112 11.46 4.35 25.46
C ARG C 112 12.66 3.44 25.24
N GLU C 113 13.07 2.74 26.29
CA GLU C 113 14.24 1.89 26.21
C GLU C 113 13.92 0.63 25.42
N GLY C 114 12.72 0.09 25.60
CA GLY C 114 12.27 -1.07 24.84
C GLY C 114 12.19 -0.72 23.35
N PHE C 115 11.67 0.48 23.07
CA PHE C 115 11.62 1.01 21.72
C PHE C 115 13.03 1.15 21.12
N ARG C 116 13.96 1.73 21.89
CA ARG C 116 15.31 1.98 21.40
C ARG C 116 15.98 0.69 20.96
N ILE C 117 15.90 -0.30 21.85
CA ILE C 117 16.52 -1.61 21.62
C ILE C 117 15.90 -2.34 20.43
N ALA C 118 14.57 -2.37 20.36
CA ALA C 118 13.88 -3.02 19.25
C ALA C 118 14.34 -2.43 17.93
N HIS C 119 14.41 -1.10 17.84
CA HIS C 119 14.81 -0.46 16.60
C HIS C 119 16.31 -0.59 16.33
N ASP C 120 17.12 -0.54 17.38
CA ASP C 120 18.56 -0.69 17.23
C ASP C 120 18.92 -2.08 16.65
N ILE C 121 18.37 -3.12 17.27
CA ILE C 121 18.73 -4.48 16.89
C ILE C 121 18.01 -4.96 15.63
N SER C 122 16.73 -4.61 15.51
CA SER C 122 15.91 -5.16 14.44
C SER C 122 15.97 -4.36 13.14
N ALA C 123 16.27 -3.06 13.25
CA ALA C 123 16.25 -2.17 12.07
C ALA C 123 17.62 -1.55 11.76
N TYR C 124 18.21 -0.82 12.71
CA TYR C 124 19.47 -0.15 12.40
C TYR C 124 20.56 -1.16 12.02
N SER C 125 20.50 -2.36 12.59
CA SER C 125 21.60 -3.32 12.35
C SER C 125 21.73 -3.73 10.87
N PHE C 126 20.63 -3.64 10.12
CA PHE C 126 20.69 -3.93 8.68
C PHE C 126 21.51 -2.85 7.99
N ILE C 127 21.27 -1.60 8.38
CA ILE C 127 22.03 -0.47 7.84
C ILE C 127 23.51 -0.61 8.21
N ALA C 128 23.77 -1.02 9.44
CA ALA C 128 25.14 -1.20 9.92
C ALA C 128 25.91 -2.21 9.07
N LEU C 129 25.25 -3.32 8.74
CA LEU C 129 25.87 -4.37 7.92
C LEU C 129 26.14 -3.87 6.50
N ALA C 130 25.18 -3.12 5.95
CA ALA C 130 25.33 -2.52 4.62
C ALA C 130 26.54 -1.60 4.56
N LYS C 131 26.66 -0.73 5.56
CA LYS C 131 27.78 0.19 5.68
C LYS C 131 29.10 -0.57 5.81
N ALA C 132 29.15 -1.49 6.77
CA ALA C 132 30.39 -2.18 7.10
C ALA C 132 30.86 -3.09 5.95
N GLY C 133 29.92 -3.59 5.17
CA GLY C 133 30.25 -4.54 4.13
C GLY C 133 30.38 -3.89 2.77
N ARG C 134 30.20 -2.57 2.71
CA ARG C 134 30.14 -1.87 1.42
C ARG C 134 31.43 -2.04 0.63
N GLU C 135 32.56 -1.93 1.31
CA GLU C 135 33.85 -2.10 0.65
C GLU C 135 34.03 -3.48 0.04
N MET C 136 33.72 -4.52 0.81
CA MET C 136 33.89 -5.88 0.31
C MET C 136 32.93 -6.19 -0.84
N MET C 137 31.81 -5.46 -0.90
CA MET C 137 30.78 -5.72 -1.93
C MET C 137 30.94 -4.84 -3.18
N LYS C 138 31.85 -3.86 -3.12
CA LYS C 138 32.04 -2.95 -4.24
C LYS C 138 32.43 -3.68 -5.52
N GLY C 139 31.72 -3.35 -6.58
CA GLY C 139 32.00 -3.92 -7.90
C GLY C 139 31.51 -5.34 -8.08
N ARG C 140 30.85 -5.91 -7.07
CA ARG C 140 30.50 -7.31 -7.19
C ARG C 140 29.06 -7.51 -7.67
N ASN C 141 28.31 -6.43 -7.85
CA ASN C 141 26.89 -6.49 -8.23
C ASN C 141 26.15 -7.51 -7.38
N GLY C 142 26.30 -7.38 -6.07
CA GLY C 142 25.76 -8.35 -5.16
C GLY C 142 24.43 -7.89 -4.59
N SER C 143 24.09 -8.37 -3.40
CA SER C 143 22.80 -8.05 -2.82
C SER C 143 22.73 -8.23 -1.31
N LEU C 144 21.77 -7.53 -0.72
CA LEU C 144 21.48 -7.62 0.70
C LEU C 144 20.08 -8.15 0.85
N LEU C 145 19.84 -8.94 1.88
CA LEU C 145 18.52 -9.48 2.16
C LEU C 145 18.22 -9.35 3.63
N THR C 146 17.06 -8.79 3.98
CA THR C 146 16.61 -8.85 5.38
C THR C 146 15.26 -9.55 5.47
N LEU C 147 14.79 -9.74 6.70
CA LEU C 147 13.53 -10.41 6.99
C LEU C 147 12.56 -9.54 7.75
N SER C 148 11.32 -9.49 7.28
CA SER C 148 10.32 -8.66 7.93
C SER C 148 9.05 -9.46 8.20
N TYR C 149 8.04 -8.78 8.74
CA TYR C 149 6.78 -9.41 9.07
C TYR C 149 5.61 -8.45 8.84
N LEU C 150 4.46 -9.00 8.50
CA LEU C 150 3.23 -8.25 8.25
C LEU C 150 2.89 -7.24 9.37
N GLY C 151 3.34 -7.50 10.58
CA GLY C 151 3.16 -6.56 11.68
C GLY C 151 3.64 -5.14 11.39
N ALA C 152 4.53 -4.98 10.42
CA ALA C 152 4.98 -3.66 9.99
C ALA C 152 3.83 -2.86 9.40
N GLU C 153 2.94 -3.54 8.69
CA GLU C 153 1.87 -2.86 7.93
C GLU C 153 0.54 -2.83 8.65
N ARG C 154 0.22 -3.92 9.34
CA ARG C 154 -1.08 -4.04 9.99
C ARG C 154 -0.88 -4.68 11.35
N THR C 155 -1.81 -4.44 12.26
CA THR C 155 -1.60 -4.78 13.65
C THR C 155 -2.17 -6.14 14.04
N MET C 156 -1.57 -6.71 15.07
CA MET C 156 -2.09 -7.90 15.75
C MET C 156 -1.64 -7.81 17.21
N PRO C 157 -2.26 -8.61 18.10
CA PRO C 157 -1.86 -8.55 19.51
C PRO C 157 -0.38 -8.88 19.73
N ASN C 158 0.21 -8.20 20.71
CA ASN C 158 1.53 -8.50 21.27
C ASN C 158 2.74 -8.16 20.40
N TYR C 159 2.60 -8.14 19.08
CA TYR C 159 3.76 -7.84 18.24
C TYR C 159 4.29 -6.43 18.57
N ASN C 160 3.35 -5.52 18.77
CA ASN C 160 3.61 -4.24 19.43
C ASN C 160 4.78 -3.47 18.81
N VAL C 161 5.78 -3.10 19.62
CA VAL C 161 6.86 -2.24 19.12
C VAL C 161 7.73 -2.91 18.02
N MET C 162 7.74 -4.23 17.97
CA MET C 162 8.45 -4.90 16.86
C MET C 162 7.82 -4.51 15.53
N GLY C 163 6.53 -4.21 15.56
CA GLY C 163 5.84 -3.73 14.36
C GLY C 163 6.39 -2.40 13.89
N MET C 164 6.69 -1.50 14.83
CA MET C 164 7.28 -0.21 14.47
C MET C 164 8.69 -0.41 13.94
N ALA C 165 9.44 -1.32 14.56
CA ALA C 165 10.82 -1.56 14.16
C ALA C 165 10.87 -2.18 12.77
N LYS C 166 9.94 -3.09 12.49
CA LYS C 166 9.87 -3.70 11.16
C LYS C 166 9.49 -2.66 10.09
N ALA C 167 8.60 -1.73 10.42
CA ALA C 167 8.25 -0.66 9.48
C ALA C 167 9.49 0.18 9.14
N SER C 168 10.25 0.51 10.18
CA SER C 168 11.53 1.21 10.03
C SER C 168 12.46 0.42 9.11
N LEU C 169 12.58 -0.88 9.39
CA LEU C 169 13.43 -1.77 8.59
C LEU C 169 13.05 -1.78 7.11
N GLU C 170 11.76 -1.86 6.83
CA GLU C 170 11.31 -1.90 5.44
C GLU C 170 11.61 -0.59 4.70
N ALA C 171 11.40 0.54 5.37
CA ALA C 171 11.85 1.83 4.82
C ALA C 171 13.37 1.80 4.57
N GLY C 172 14.10 1.18 5.51
CA GLY C 172 15.53 0.98 5.35
C GLY C 172 15.92 0.22 4.10
N VAL C 173 15.19 -0.86 3.82
CA VAL C 173 15.39 -1.59 2.56
C VAL C 173 15.33 -0.63 1.37
N ARG C 174 14.30 0.20 1.35
CA ARG C 174 14.12 1.15 0.25
C ARG C 174 15.21 2.21 0.18
N TYR C 175 15.57 2.82 1.30
CA TYR C 175 16.64 3.84 1.31
C TYR C 175 18.00 3.22 0.97
N LEU C 176 18.28 2.01 1.46
CA LEU C 176 19.51 1.31 1.04
C LEU C 176 19.51 1.00 -0.46
N ALA C 177 18.36 0.57 -0.99
CA ALA C 177 18.28 0.24 -2.40
C ALA C 177 18.56 1.49 -3.24
N GLY C 178 17.95 2.61 -2.84
CA GLY C 178 18.16 3.88 -3.51
C GLY C 178 19.58 4.40 -3.42
N SER C 179 20.26 4.09 -2.34
CA SER C 179 21.66 4.52 -2.12
C SER C 179 22.67 3.65 -2.86
N LEU C 180 22.50 2.34 -2.75
CA LEU C 180 23.53 1.39 -3.19
C LEU C 180 23.32 0.87 -4.62
N GLY C 181 22.15 1.13 -5.19
CA GLY C 181 21.81 0.59 -6.50
C GLY C 181 22.74 1.06 -7.61
N ALA C 182 23.13 2.33 -7.58
CA ALA C 182 23.94 2.88 -8.67
C ALA C 182 25.25 2.14 -8.80
N GLU C 183 25.82 1.68 -7.68
CA GLU C 183 27.09 0.95 -7.70
C GLU C 183 26.90 -0.55 -7.87
N GLY C 184 25.63 -0.98 -8.01
CA GLY C 184 25.33 -2.34 -8.40
C GLY C 184 24.66 -3.25 -7.38
N THR C 185 24.51 -2.76 -6.16
CA THR C 185 23.98 -3.61 -5.10
C THR C 185 22.46 -3.53 -5.05
N ARG C 186 21.81 -4.69 -5.04
CA ARG C 186 20.36 -4.75 -4.86
C ARG C 186 20.05 -4.99 -3.39
N VAL C 187 18.91 -4.50 -2.92
CA VAL C 187 18.54 -4.61 -1.51
C VAL C 187 17.08 -5.02 -1.39
N ASN C 188 16.82 -6.19 -0.82
CA ASN C 188 15.43 -6.67 -0.69
C ASN C 188 15.14 -7.31 0.67
N ALA C 189 13.90 -7.72 0.85
CA ALA C 189 13.46 -8.42 2.05
C ALA C 189 12.46 -9.50 1.71
N VAL C 190 12.41 -10.54 2.53
CA VAL C 190 11.30 -11.47 2.54
C VAL C 190 10.48 -11.18 3.79
N SER C 191 9.18 -10.95 3.61
CA SER C 191 8.29 -10.86 4.75
C SER C 191 7.66 -12.23 4.91
N ALA C 192 8.10 -12.97 5.92
CA ALA C 192 7.64 -14.34 6.11
C ALA C 192 6.37 -14.43 6.94
N GLY C 193 5.54 -15.42 6.61
CA GLY C 193 4.43 -15.80 7.47
C GLY C 193 4.99 -16.44 8.74
N PRO C 194 4.13 -16.70 9.74
CA PRO C 194 4.66 -17.21 11.01
C PRO C 194 5.25 -18.61 10.90
N ILE C 195 6.39 -18.78 11.55
CA ILE C 195 7.13 -20.04 11.55
C ILE C 195 7.62 -20.29 12.97
N ARG C 196 7.50 -21.53 13.44
CA ARG C 196 7.93 -21.87 14.79
C ARG C 196 9.46 -21.84 14.91
N THR C 197 9.96 -20.79 15.54
CA THR C 197 11.40 -20.62 15.76
C THR C 197 11.63 -20.29 17.23
N LEU C 198 12.89 -20.21 17.63
CA LEU C 198 13.22 -19.86 19.01
C LEU C 198 12.57 -18.54 19.42
N ALA C 199 12.75 -17.51 18.59
CA ALA C 199 12.21 -16.20 18.87
C ALA C 199 10.68 -16.19 18.84
N ALA C 200 10.11 -16.91 17.88
CA ALA C 200 8.65 -16.98 17.72
C ALA C 200 8.02 -17.61 18.95
N SER C 201 8.70 -18.60 19.51
CA SER C 201 8.21 -19.29 20.69
C SER C 201 8.17 -18.36 21.90
N GLY C 202 8.92 -17.27 21.85
CA GLY C 202 8.93 -16.29 22.92
C GLY C 202 7.68 -15.43 22.95
N ILE C 203 6.96 -15.37 21.83
CA ILE C 203 5.77 -14.53 21.74
C ILE C 203 4.54 -15.24 22.26
N LYS C 204 3.93 -14.71 23.32
CA LYS C 204 2.72 -15.32 23.84
C LYS C 204 1.69 -15.18 22.73
N SER C 205 0.81 -16.16 22.62
CA SER C 205 -0.20 -16.20 21.56
C SER C 205 0.38 -16.46 20.17
N PHE C 206 1.66 -16.82 20.06
CA PHE C 206 2.19 -17.18 18.75
C PHE C 206 1.43 -18.37 18.19
N ARG C 207 1.11 -19.33 19.05
CA ARG C 207 0.34 -20.50 18.65
C ARG C 207 -0.94 -20.09 17.90
N LYS C 208 -1.58 -19.02 18.37
CA LYS C 208 -2.79 -18.51 17.74
C LYS C 208 -2.51 -17.86 16.38
N MET C 209 -1.38 -17.18 16.28
CA MET C 209 -0.95 -16.62 15.00
C MET C 209 -0.78 -17.73 13.97
N LEU C 210 -0.19 -18.86 14.40
CA LEU C 210 0.00 -20.02 13.54
C LEU C 210 -1.33 -20.56 13.06
N ALA C 211 -2.25 -20.77 14.00
CA ALA C 211 -3.56 -21.31 13.66
C ALA C 211 -4.32 -20.36 12.76
N ALA C 212 -4.20 -19.07 13.02
CA ALA C 212 -4.89 -18.04 12.24
C ALA C 212 -4.46 -18.10 10.78
N ASN C 213 -3.15 -18.20 10.57
CA ASN C 213 -2.63 -18.25 9.21
C ASN C 213 -3.06 -19.52 8.50
N GLU C 214 -2.98 -20.65 9.20
CA GLU C 214 -3.32 -21.92 8.56
C GLU C 214 -4.75 -21.92 8.04
N ARG C 215 -5.67 -21.38 8.82
CA ARG C 215 -7.09 -21.35 8.45
C ARG C 215 -7.38 -20.36 7.33
N GLN C 216 -6.74 -19.19 7.37
CA GLN C 216 -7.12 -18.06 6.53
C GLN C 216 -6.25 -17.88 5.28
N THR C 217 -5.02 -18.38 5.31
CA THR C 217 -4.14 -18.20 4.17
C THR C 217 -4.68 -18.96 2.96
N PRO C 218 -4.60 -18.33 1.77
CA PRO C 218 -5.12 -18.95 0.54
C PRO C 218 -4.66 -20.40 0.37
N LEU C 219 -3.41 -20.70 0.65
CA LEU C 219 -2.89 -22.06 0.46
C LEU C 219 -3.33 -23.03 1.57
N ARG C 220 -4.00 -22.49 2.60
CA ARG C 220 -4.50 -23.27 3.74
C ARG C 220 -3.40 -24.09 4.44
N ARG C 221 -2.19 -23.56 4.49
CA ARG C 221 -1.11 -24.20 5.24
C ARG C 221 -0.07 -23.17 5.63
N ASN C 222 0.67 -23.43 6.69
CA ASN C 222 1.74 -22.54 7.13
C ASN C 222 2.95 -22.70 6.22
N VAL C 223 3.77 -21.67 6.13
CA VAL C 223 4.97 -21.78 5.30
C VAL C 223 6.15 -22.36 6.11
N THR C 224 7.19 -22.78 5.38
CA THR C 224 8.37 -23.40 5.97
C THR C 224 9.61 -22.56 5.75
N ILE C 225 10.66 -22.84 6.52
CA ILE C 225 11.93 -22.16 6.32
C ILE C 225 12.57 -22.60 4.99
N GLU C 226 12.16 -23.75 4.47
CA GLU C 226 12.58 -24.16 3.11
C GLU C 226 12.01 -23.22 2.07
N GLU C 227 10.73 -22.86 2.22
CA GLU C 227 10.09 -21.94 1.28
C GLU C 227 10.64 -20.52 1.41
N VAL C 228 10.85 -20.06 2.65
CA VAL C 228 11.47 -18.76 2.84
C VAL C 228 12.90 -18.79 2.33
N GLY C 229 13.61 -19.89 2.60
CA GLY C 229 14.98 -20.06 2.16
C GLY C 229 15.11 -19.99 0.64
N ASN C 230 14.21 -20.66 -0.08
CA ASN C 230 14.23 -20.61 -1.54
C ASN C 230 13.96 -19.21 -2.08
N ALA C 231 13.01 -18.50 -1.47
CA ALA C 231 12.72 -17.14 -1.92
C ALA C 231 13.92 -16.22 -1.70
N GLY C 232 14.54 -16.34 -0.52
CA GLY C 232 15.72 -15.54 -0.21
C GLY C 232 16.88 -15.85 -1.13
N ALA C 233 17.11 -17.13 -1.39
CA ALA C 233 18.16 -17.56 -2.33
C ALA C 233 17.93 -16.96 -3.71
N PHE C 234 16.71 -17.03 -4.21
CA PHE C 234 16.37 -16.42 -5.50
C PHE C 234 16.66 -14.92 -5.53
N LEU C 235 16.21 -14.23 -4.49
CA LEU C 235 16.39 -12.77 -4.42
C LEU C 235 17.85 -12.38 -4.41
N CYS C 236 18.70 -13.25 -3.87
CA CYS C 236 20.12 -12.94 -3.81
C CYS C 236 20.91 -13.51 -4.98
N SER C 237 20.20 -14.00 -6.00
CA SER C 237 20.82 -14.56 -7.20
C SER C 237 20.70 -13.61 -8.36
N ASP C 238 21.51 -13.84 -9.39
CA ASP C 238 21.43 -13.00 -10.58
C ASP C 238 20.12 -13.23 -11.34
N LEU C 239 19.36 -14.27 -10.97
CA LEU C 239 18.02 -14.46 -11.54
C LEU C 239 17.13 -13.27 -11.19
N ALA C 240 17.43 -12.61 -10.08
CA ALA C 240 16.65 -11.48 -9.62
C ALA C 240 17.34 -10.13 -9.89
N SER C 241 18.17 -10.08 -10.94
CA SER C 241 18.95 -8.87 -11.20
C SER C 241 18.09 -7.65 -11.52
N GLY C 242 16.81 -7.86 -11.87
CA GLY C 242 15.93 -6.74 -12.12
C GLY C 242 15.17 -6.29 -10.88
N ILE C 243 15.46 -6.89 -9.72
CA ILE C 243 14.65 -6.66 -8.52
C ILE C 243 15.41 -5.99 -7.37
N SER C 244 14.98 -4.79 -6.99
CA SER C 244 15.56 -4.14 -5.81
C SER C 244 14.52 -3.32 -5.08
N GLY C 245 14.71 -3.13 -3.78
CA GLY C 245 13.78 -2.36 -2.95
C GLY C 245 12.50 -3.11 -2.61
N GLU C 246 12.46 -4.41 -2.90
CA GLU C 246 11.22 -5.18 -2.79
C GLU C 246 11.02 -5.84 -1.42
N ILE C 247 9.79 -5.77 -0.93
CA ILE C 247 9.37 -6.59 0.21
C ILE C 247 8.52 -7.76 -0.32
N LEU C 248 9.14 -8.93 -0.42
CA LEU C 248 8.48 -10.09 -1.00
C LEU C 248 7.83 -10.95 0.07
N TYR C 249 6.50 -11.07 0.01
CA TYR C 249 5.79 -11.90 0.99
C TYR C 249 5.89 -13.37 0.65
N VAL C 250 6.33 -14.14 1.63
CA VAL C 250 6.31 -15.59 1.54
C VAL C 250 5.45 -16.07 2.70
N ASP C 251 4.13 -16.04 2.49
CA ASP C 251 3.20 -16.30 3.58
C ASP C 251 1.98 -17.03 3.07
N GLY C 252 2.10 -17.62 1.90
CA GLY C 252 0.98 -18.32 1.28
C GLY C 252 -0.13 -17.40 0.80
N GLY C 253 0.08 -16.09 0.90
CA GLY C 253 -0.90 -15.10 0.50
C GLY C 253 -1.76 -14.56 1.64
N PHE C 254 -1.42 -14.91 2.88
CA PHE C 254 -2.21 -14.44 4.02
C PHE C 254 -2.37 -12.92 4.04
N ASN C 255 -1.29 -12.20 3.73
CA ASN C 255 -1.33 -10.74 3.73
C ASN C 255 -2.39 -10.15 2.78
N THR C 256 -2.81 -10.92 1.77
CA THR C 256 -3.78 -10.42 0.80
C THR C 256 -5.23 -10.66 1.21
N THR C 257 -5.44 -11.26 2.38
CA THR C 257 -6.80 -11.56 2.85
C THR C 257 -7.24 -10.60 3.95
N ALA C 258 -8.54 -10.32 4.00
CA ALA C 258 -9.11 -9.51 5.08
C ALA C 258 -9.97 -10.35 6.02
N MET C 259 -10.54 -11.44 5.49
CA MET C 259 -11.33 -12.40 6.27
C MET C 259 -11.08 -13.80 5.75
N GLY C 260 -11.25 -14.80 6.61
CA GLY C 260 -11.08 -16.19 6.22
C GLY C 260 -12.34 -16.73 5.57
N PRO C 261 -12.31 -18.00 5.15
CA PRO C 261 -13.48 -18.57 4.47
C PRO C 261 -14.67 -18.78 5.41
N LEU C 262 -15.87 -18.88 4.84
CA LEU C 262 -17.09 -19.08 5.61
C LEU C 262 -17.08 -20.42 6.35
N GLY D 2 -17.45 26.58 16.39
CA GLY D 2 -17.18 25.68 15.28
C GLY D 2 -17.30 24.23 15.67
N PHE D 3 -16.74 23.32 14.86
CA PHE D 3 -16.95 21.90 15.10
C PHE D 3 -16.00 21.35 16.17
N LEU D 4 -15.28 22.25 16.85
CA LEU D 4 -14.46 21.85 18.00
C LEU D 4 -14.83 22.55 19.30
N THR D 5 -15.87 23.39 19.31
CA THR D 5 -16.31 24.04 20.55
C THR D 5 -16.66 22.97 21.59
N GLY D 6 -16.10 23.10 22.79
CA GLY D 6 -16.31 22.11 23.84
C GLY D 6 -15.10 21.23 24.08
N LYS D 7 -14.17 21.20 23.10
CA LYS D 7 -12.98 20.36 23.19
C LYS D 7 -11.78 21.10 23.76
N ARG D 8 -10.90 20.35 24.43
CA ARG D 8 -9.60 20.87 24.87
C ARG D 8 -8.45 20.09 24.25
N ALA D 9 -7.47 20.81 23.71
CA ALA D 9 -6.38 20.20 22.95
C ALA D 9 -5.03 20.69 23.44
N LEU D 10 -4.08 19.76 23.52
CA LEU D 10 -2.68 20.04 23.79
C LEU D 10 -1.92 20.02 22.48
N ILE D 11 -1.18 21.09 22.20
CA ILE D 11 -0.48 21.18 20.93
C ILE D 11 1.03 21.24 21.17
N VAL D 12 1.70 20.22 20.65
CA VAL D 12 3.14 20.02 20.82
C VAL D 12 3.85 20.24 19.49
N GLY D 13 4.70 21.26 19.39
CA GLY D 13 5.48 21.45 18.17
C GLY D 13 5.45 22.83 17.52
N VAL D 14 4.80 23.80 18.16
CA VAL D 14 4.86 25.18 17.68
C VAL D 14 6.28 25.74 17.82
N ALA D 15 6.83 26.27 16.73
CA ALA D 15 8.16 26.91 16.75
C ALA D 15 8.09 28.33 16.18
N SER D 16 7.44 28.49 15.03
CA SER D 16 7.26 29.82 14.45
C SER D 16 5.87 29.92 13.81
N LYS D 17 5.55 31.09 13.27
CA LYS D 17 4.24 31.25 12.63
C LYS D 17 4.14 30.38 11.38
N LEU D 18 5.28 29.90 10.89
CA LEU D 18 5.30 29.00 9.74
C LEU D 18 5.00 27.54 10.09
N SER D 19 5.11 27.18 11.37
CA SER D 19 5.02 25.77 11.79
C SER D 19 3.70 25.11 11.38
N ILE D 20 3.75 23.83 11.02
CA ILE D 20 2.53 23.05 10.84
C ILE D 20 1.67 23.12 12.11
N ALA D 21 2.30 23.00 13.28
CA ALA D 21 1.55 23.03 14.53
C ALA D 21 0.83 24.37 14.71
N SER D 22 1.36 25.42 14.11
CA SER D 22 0.71 26.74 14.17
C SER D 22 -0.52 26.78 13.29
N GLY D 23 -0.42 26.16 12.11
CA GLY D 23 -1.56 26.04 11.23
C GLY D 23 -2.66 25.23 11.89
N ILE D 24 -2.26 24.17 12.58
CA ILE D 24 -3.24 23.32 13.28
C ILE D 24 -3.87 24.09 14.44
N ALA D 25 -3.03 24.78 15.21
CA ALA D 25 -3.49 25.56 16.35
C ALA D 25 -4.49 26.63 15.93
N ALA D 26 -4.17 27.36 14.88
CA ALA D 26 -5.04 28.43 14.37
C ALA D 26 -6.38 27.86 13.91
N ALA D 27 -6.35 26.73 13.20
CA ALA D 27 -7.60 26.12 12.73
C ALA D 27 -8.45 25.61 13.90
N MET D 28 -7.81 24.96 14.87
CA MET D 28 -8.55 24.44 16.01
C MET D 28 -9.13 25.57 16.86
N HIS D 29 -8.38 26.65 17.00
CA HIS D 29 -8.88 27.83 17.73
C HIS D 29 -10.09 28.44 17.00
N ARG D 30 -9.96 28.61 15.69
CA ARG D 30 -11.06 29.09 14.85
C ARG D 30 -12.31 28.25 15.07
N GLU D 31 -12.15 26.93 15.19
CA GLU D 31 -13.29 26.03 15.31
C GLU D 31 -13.77 25.86 16.75
N GLY D 32 -13.17 26.59 17.69
CA GLY D 32 -13.71 26.65 19.03
C GLY D 32 -12.99 25.86 20.12
N ALA D 33 -11.92 25.17 19.75
CA ALA D 33 -11.14 24.41 20.75
C ALA D 33 -10.47 25.34 21.76
N GLU D 34 -10.37 24.89 23.01
CA GLU D 34 -9.51 25.55 23.98
C GLU D 34 -8.14 24.92 23.87
N LEU D 35 -7.10 25.75 23.78
CA LEU D 35 -5.74 25.25 23.50
C LEU D 35 -4.75 25.39 24.67
N ALA D 36 -3.90 24.37 24.82
CA ALA D 36 -2.68 24.44 25.64
C ALA D 36 -1.50 24.07 24.75
N PHE D 37 -0.29 24.40 25.18
CA PHE D 37 0.90 24.27 24.34
C PHE D 37 2.11 23.77 25.10
N THR D 38 3.02 23.11 24.40
CA THR D 38 4.36 22.90 24.89
C THR D 38 5.37 23.67 24.04
N TYR D 39 6.52 23.95 24.63
CA TYR D 39 7.65 24.48 23.87
C TYR D 39 8.88 23.61 24.19
N GLN D 40 9.67 23.30 23.16
CA GLN D 40 10.79 22.38 23.31
C GLN D 40 11.75 22.77 24.44
N ASN D 41 12.09 24.06 24.50
CA ASN D 41 13.02 24.56 25.52
C ASN D 41 12.90 26.09 25.61
N ASP D 42 13.72 26.74 26.43
CA ASP D 42 13.52 28.17 26.64
C ASP D 42 13.84 29.04 25.44
N LYS D 43 14.42 28.46 24.39
CA LYS D 43 14.65 29.22 23.16
C LYS D 43 13.35 29.50 22.41
N LEU D 44 12.34 28.68 22.66
CA LEU D 44 11.05 28.83 21.98
C LEU D 44 9.91 29.28 22.91
N ARG D 45 10.19 29.34 24.21
CA ARG D 45 9.18 29.71 25.21
C ARG D 45 8.48 31.03 24.92
N GLY D 46 9.26 32.04 24.57
CA GLY D 46 8.73 33.37 24.34
C GLY D 46 7.76 33.43 23.17
N ARG D 47 8.16 32.87 22.03
CA ARG D 47 7.28 32.87 20.88
C ARG D 47 6.04 32.00 21.09
N VAL D 48 6.20 30.86 21.76
CA VAL D 48 5.05 29.99 22.00
C VAL D 48 4.04 30.69 22.93
N GLU D 49 4.54 31.32 23.99
CA GLU D 49 3.66 32.07 24.89
C GLU D 49 2.96 33.19 24.16
N GLU D 50 3.69 33.88 23.28
CA GLU D 50 3.12 34.97 22.51
C GLU D 50 2.01 34.46 21.58
N PHE D 51 2.29 33.38 20.86
CA PHE D 51 1.31 32.83 19.92
C PHE D 51 0.09 32.29 20.67
N ALA D 52 0.32 31.65 21.81
CA ALA D 52 -0.79 31.09 22.58
C ALA D 52 -1.80 32.16 22.98
N SER D 53 -1.30 33.33 23.35
CA SER D 53 -2.17 34.43 23.77
C SER D 53 -3.01 34.95 22.61
N GLY D 54 -2.55 34.73 21.40
CA GLY D 54 -3.31 35.08 20.20
C GLY D 54 -4.30 34.00 19.77
N TRP D 55 -4.21 32.83 20.39
CA TRP D 55 -5.10 31.72 20.08
C TRP D 55 -5.99 31.35 21.26
N GLY D 56 -6.39 32.35 22.04
CA GLY D 56 -7.31 32.13 23.15
C GLY D 56 -6.69 31.50 24.39
N SER D 57 -5.37 31.35 24.39
CA SER D 57 -4.68 30.69 25.49
C SER D 57 -3.83 31.72 26.23
N ARG D 58 -2.88 31.25 27.04
CA ARG D 58 -2.10 32.13 27.90
C ARG D 58 -0.84 31.42 28.37
N PRO D 59 0.16 32.18 28.85
CA PRO D 59 1.43 31.56 29.28
C PRO D 59 1.26 30.42 30.29
N GLU D 60 0.27 30.51 31.17
CA GLU D 60 0.03 29.49 32.19
C GLU D 60 -0.42 28.15 31.61
N LEU D 61 -0.84 28.15 30.35
CA LEU D 61 -1.19 26.91 29.66
C LEU D 61 -0.09 26.55 28.65
N CYS D 62 1.11 27.06 28.88
CA CYS D 62 2.28 26.70 28.08
C CYS D 62 3.29 26.01 28.98
N PHE D 63 3.83 24.90 28.54
CA PHE D 63 4.69 24.08 29.39
C PHE D 63 5.98 23.68 28.67
N PRO D 64 7.09 23.58 29.40
CA PRO D 64 8.31 23.11 28.74
C PRO D 64 8.23 21.62 28.48
N CYS D 65 8.66 21.18 27.30
CA CYS D 65 8.68 19.74 27.02
C CYS D 65 9.68 19.37 25.94
N ASP D 66 10.85 18.89 26.33
CA ASP D 66 11.73 18.19 25.41
C ASP D 66 11.29 16.74 25.41
N VAL D 67 10.83 16.24 24.27
CA VAL D 67 10.23 14.90 24.23
C VAL D 67 11.26 13.78 24.29
N ALA D 68 12.53 14.13 24.44
CA ALA D 68 13.56 13.14 24.76
C ALA D 68 13.46 12.70 26.22
N ASP D 69 12.74 13.48 27.03
CA ASP D 69 12.79 13.37 28.49
C ASP D 69 11.44 12.94 29.08
N ASP D 70 11.34 11.69 29.52
CA ASP D 70 10.09 11.17 30.08
C ASP D 70 9.54 12.01 31.23
N SER D 71 10.43 12.49 32.10
CA SER D 71 9.98 13.22 33.27
C SER D 71 9.39 14.59 32.88
N GLN D 72 9.95 15.22 31.85
CA GLN D 72 9.36 16.46 31.34
C GLN D 72 7.98 16.21 30.73
N ILE D 73 7.86 15.14 29.96
CA ILE D 73 6.58 14.78 29.34
C ILE D 73 5.54 14.57 30.42
N GLU D 74 5.87 13.76 31.42
CA GLU D 74 4.93 13.50 32.50
C GLU D 74 4.57 14.77 33.27
N ALA D 75 5.55 15.67 33.46
CA ALA D 75 5.29 16.95 34.16
C ALA D 75 4.34 17.88 33.41
N VAL D 76 4.25 17.72 32.09
CA VAL D 76 3.30 18.52 31.30
C VAL D 76 1.89 18.22 31.76
N PHE D 77 1.55 16.94 31.84
CA PHE D 77 0.19 16.54 32.15
C PHE D 77 -0.14 16.77 33.63
N ALA D 78 0.85 16.59 34.49
CA ALA D 78 0.67 16.92 35.91
C ALA D 78 0.32 18.40 36.08
N ALA D 79 1.08 19.26 35.41
CA ALA D 79 0.86 20.69 35.48
C ALA D 79 -0.45 21.09 34.81
N LEU D 80 -0.72 20.55 33.63
CA LEU D 80 -1.95 20.87 32.91
C LEU D 80 -3.19 20.44 33.70
N GLY D 81 -3.06 19.32 34.42
CA GLY D 81 -4.16 18.77 35.20
C GLY D 81 -4.55 19.59 36.42
N LYS D 82 -3.78 20.63 36.72
CA LYS D 82 -4.15 21.53 37.80
C LYS D 82 -4.99 22.67 37.24
N HIS D 83 -5.09 22.72 35.91
CA HIS D 83 -5.98 23.67 35.24
C HIS D 83 -7.17 22.95 34.59
N TRP D 84 -6.89 21.84 33.93
CA TRP D 84 -7.90 21.07 33.20
C TRP D 84 -8.14 19.72 33.86
N ASP D 85 -9.40 19.37 34.10
CA ASP D 85 -9.68 18.09 34.76
C ASP D 85 -9.57 16.93 33.77
N GLY D 86 -9.52 17.26 32.49
CA GLY D 86 -9.40 16.26 31.43
C GLY D 86 -8.85 16.85 30.15
N LEU D 87 -8.66 16.00 29.16
CA LEU D 87 -8.08 16.45 27.90
C LEU D 87 -8.67 15.65 26.75
N ASP D 88 -9.06 16.31 25.67
CA ASP D 88 -9.68 15.62 24.54
C ASP D 88 -8.68 15.25 23.44
N ILE D 89 -7.71 16.11 23.22
CA ILE D 89 -6.88 16.03 22.01
C ILE D 89 -5.42 16.27 22.32
N ILE D 90 -4.53 15.48 21.72
CA ILE D 90 -3.10 15.83 21.66
C ILE D 90 -2.64 15.89 20.20
N VAL D 91 -2.01 17.01 19.83
CA VAL D 91 -1.42 17.17 18.50
C VAL D 91 0.09 17.06 18.67
N HIS D 92 0.67 16.11 17.96
CA HIS D 92 2.10 15.82 18.01
C HIS D 92 2.69 16.23 16.67
N SER D 93 3.42 17.35 16.68
CA SER D 93 3.97 17.93 15.46
C SER D 93 5.44 18.24 15.68
N VAL D 94 6.21 17.18 15.89
CA VAL D 94 7.60 17.26 16.30
C VAL D 94 8.46 16.32 15.46
N GLY D 95 9.62 16.77 15.03
CA GLY D 95 10.56 15.89 14.36
C GLY D 95 11.98 16.39 14.58
N PHE D 96 12.94 15.47 14.59
CA PHE D 96 14.34 15.82 14.60
C PHE D 96 15.24 14.65 14.26
N ALA D 97 16.30 14.97 13.52
CA ALA D 97 17.44 14.10 13.34
C ALA D 97 18.65 15.02 13.23
N PRO D 98 19.82 14.56 13.71
CA PRO D 98 21.03 15.36 13.53
C PRO D 98 21.23 15.78 12.08
N GLY D 99 21.57 17.04 11.87
CA GLY D 99 21.72 17.62 10.54
C GLY D 99 22.52 16.78 9.56
N ASP D 100 23.63 16.21 10.00
CA ASP D 100 24.50 15.47 9.07
C ASP D 100 23.86 14.15 8.58
N GLN D 101 22.77 13.73 9.22
CA GLN D 101 22.05 12.55 8.76
C GLN D 101 21.28 12.83 7.46
N LEU D 102 20.97 14.10 7.20
CA LEU D 102 20.09 14.45 6.09
C LEU D 102 20.85 15.15 4.96
N ASP D 103 22.15 14.93 4.89
CA ASP D 103 22.98 15.59 3.90
C ASP D 103 23.92 14.59 3.23
N GLY D 104 23.48 14.03 2.10
CA GLY D 104 24.31 13.15 1.31
C GLY D 104 23.79 11.72 1.21
N ASP D 105 24.67 10.81 0.80
CA ASP D 105 24.32 9.41 0.55
C ASP D 105 23.83 8.73 1.82
N PHE D 106 22.65 8.11 1.73
CA PHE D 106 22.01 7.49 2.89
C PHE D 106 22.96 6.52 3.62
N THR D 107 23.57 5.61 2.88
CA THR D 107 24.39 4.57 3.51
C THR D 107 25.62 5.17 4.17
N ALA D 108 26.22 6.18 3.52
CA ALA D 108 27.46 6.76 4.03
C ALA D 108 27.25 7.60 5.28
N VAL D 109 26.19 8.40 5.31
CA VAL D 109 26.04 9.38 6.40
C VAL D 109 25.19 8.91 7.58
N THR D 110 24.38 7.87 7.39
CA THR D 110 23.53 7.41 8.51
C THR D 110 24.36 6.68 9.57
N THR D 111 24.17 7.04 10.84
CA THR D 111 24.90 6.40 11.94
C THR D 111 23.96 5.83 13.00
N ARG D 112 24.47 4.93 13.84
CA ARG D 112 23.64 4.34 14.89
C ARG D 112 23.03 5.41 15.79
N GLU D 113 23.83 6.41 16.12
CA GLU D 113 23.38 7.46 17.03
C GLU D 113 22.40 8.40 16.31
N GLY D 114 22.64 8.68 15.03
CA GLY D 114 21.75 9.52 14.25
C GLY D 114 20.39 8.85 14.12
N PHE D 115 20.43 7.54 13.86
CA PHE D 115 19.23 6.68 13.82
C PHE D 115 18.48 6.69 15.15
N ARG D 116 19.21 6.50 16.26
CA ARG D 116 18.58 6.45 17.58
C ARG D 116 17.80 7.74 17.86
N ILE D 117 18.47 8.87 17.67
CA ILE D 117 17.89 10.17 17.94
C ILE D 117 16.68 10.42 17.03
N ALA D 118 16.84 10.13 15.74
CA ALA D 118 15.76 10.33 14.79
C ALA D 118 14.51 9.56 15.20
N HIS D 119 14.66 8.30 15.60
CA HIS D 119 13.51 7.50 15.99
C HIS D 119 13.00 7.86 17.40
N ASP D 120 13.92 8.21 18.30
CA ASP D 120 13.51 8.62 19.64
C ASP D 120 12.60 9.85 19.59
N ILE D 121 13.06 10.88 18.89
CA ILE D 121 12.35 12.15 18.87
C ILE D 121 11.17 12.15 17.89
N SER D 122 11.34 11.52 16.73
CA SER D 122 10.32 11.64 15.69
C SER D 122 9.21 10.59 15.80
N ALA D 123 9.53 9.43 16.38
CA ALA D 123 8.56 8.33 16.47
C ALA D 123 8.18 7.97 17.91
N TYR D 124 9.14 7.62 18.76
CA TYR D 124 8.78 7.16 20.11
C TYR D 124 8.01 8.24 20.88
N SER D 125 8.35 9.50 20.63
CA SER D 125 7.77 10.58 21.43
C SER D 125 6.25 10.64 21.30
N PHE D 126 5.72 10.19 20.17
CA PHE D 126 4.26 10.14 19.97
C PHE D 126 3.67 9.10 20.92
N ILE D 127 4.35 7.97 21.03
CA ILE D 127 3.94 6.93 21.97
C ILE D 127 3.99 7.45 23.41
N ALA D 128 5.06 8.19 23.71
CA ALA D 128 5.26 8.75 25.05
C ALA D 128 4.12 9.69 25.47
N LEU D 129 3.69 10.54 24.54
CA LEU D 129 2.54 11.42 24.78
C LEU D 129 1.24 10.65 25.00
N ALA D 130 1.02 9.64 24.16
CA ALA D 130 -0.14 8.78 24.29
C ALA D 130 -0.22 8.14 25.67
N LYS D 131 0.92 7.60 26.12
CA LYS D 131 1.04 6.98 27.44
C LYS D 131 0.80 7.98 28.56
N ALA D 132 1.50 9.11 28.51
CA ALA D 132 1.46 10.08 29.61
C ALA D 132 0.12 10.78 29.70
N GLY D 133 -0.57 10.94 28.57
CA GLY D 133 -1.84 11.63 28.56
C GLY D 133 -3.04 10.71 28.69
N ARG D 134 -2.79 9.40 28.83
CA ARG D 134 -3.87 8.43 28.80
C ARG D 134 -4.88 8.65 29.93
N GLU D 135 -4.38 8.94 31.12
CA GLU D 135 -5.28 9.17 32.26
C GLU D 135 -6.18 10.37 32.01
N MET D 136 -5.61 11.46 31.52
CA MET D 136 -6.39 12.68 31.30
C MET D 136 -7.40 12.52 30.15
N MET D 137 -7.14 11.61 29.23
CA MET D 137 -8.02 11.40 28.07
C MET D 137 -9.05 10.31 28.31
N LYS D 138 -8.90 9.62 29.44
CA LYS D 138 -9.80 8.56 29.85
C LYS D 138 -11.27 9.00 29.86
N GLY D 139 -12.10 8.29 29.10
CA GLY D 139 -13.52 8.54 29.06
C GLY D 139 -13.97 9.73 28.23
N ARG D 140 -13.04 10.42 27.59
CA ARG D 140 -13.37 11.63 26.86
C ARG D 140 -13.70 11.37 25.39
N ASN D 141 -13.45 10.15 24.93
CA ASN D 141 -13.62 9.80 23.50
C ASN D 141 -12.92 10.82 22.62
N GLY D 142 -11.64 11.04 22.92
CA GLY D 142 -10.87 12.07 22.26
C GLY D 142 -10.02 11.47 21.16
N SER D 143 -8.90 12.13 20.86
CA SER D 143 -8.09 11.69 19.74
C SER D 143 -6.66 12.19 19.82
N LEU D 144 -5.79 11.50 19.08
CA LEU D 144 -4.39 11.87 18.95
C LEU D 144 -4.11 12.10 17.48
N LEU D 145 -3.26 13.08 17.18
CA LEU D 145 -2.87 13.36 15.80
C LEU D 145 -1.36 13.51 15.72
N THR D 146 -0.73 12.85 14.76
CA THR D 146 0.67 13.16 14.48
C THR D 146 0.82 13.56 13.02
N LEU D 147 2.04 13.93 12.66
CA LEU D 147 2.37 14.36 11.30
C LEU D 147 3.46 13.51 10.69
N SER D 148 3.22 13.10 9.45
CA SER D 148 4.18 12.26 8.76
C SER D 148 4.47 12.81 7.36
N TYR D 149 5.30 12.09 6.61
CA TYR D 149 5.73 12.50 5.29
C TYR D 149 5.89 11.28 4.38
N LEU D 150 5.63 11.48 3.08
CA LEU D 150 5.75 10.45 2.05
C LEU D 150 7.07 9.68 2.09
N GLY D 151 8.14 10.32 2.58
CA GLY D 151 9.42 9.65 2.73
C GLY D 151 9.35 8.34 3.51
N ALA D 152 8.31 8.19 4.34
CA ALA D 152 8.09 6.93 5.03
C ALA D 152 7.86 5.79 4.04
N GLU D 153 7.17 6.07 2.93
CA GLU D 153 6.76 5.01 1.99
C GLU D 153 7.68 4.84 0.79
N ARG D 154 8.20 5.97 0.31
CA ARG D 154 9.01 5.98 -0.92
C ARG D 154 10.13 6.98 -0.77
N THR D 155 11.21 6.75 -1.48
CA THR D 155 12.44 7.46 -1.22
C THR D 155 12.65 8.69 -2.10
N MET D 156 13.46 9.60 -1.54
CA MET D 156 13.91 10.81 -2.21
C MET D 156 15.26 11.15 -1.59
N PRO D 157 16.06 11.99 -2.28
CA PRO D 157 17.36 12.37 -1.71
C PRO D 157 17.25 13.06 -0.34
N ASN D 158 18.24 12.77 0.51
CA ASN D 158 18.50 13.48 1.75
C ASN D 158 17.53 13.20 2.89
N TYR D 159 16.28 12.83 2.62
CA TYR D 159 15.36 12.61 3.73
C TYR D 159 15.89 11.47 4.61
N ASN D 160 16.48 10.47 3.96
CA ASN D 160 17.34 9.49 4.61
C ASN D 160 16.71 8.85 5.85
N VAL D 161 17.39 8.88 6.99
CA VAL D 161 16.89 8.15 8.16
C VAL D 161 15.57 8.72 8.74
N MET D 162 15.23 9.96 8.41
CA MET D 162 13.89 10.46 8.82
C MET D 162 12.79 9.62 8.16
N GLY D 163 13.11 9.04 7.00
CA GLY D 163 12.15 8.20 6.32
C GLY D 163 11.89 6.93 7.11
N MET D 164 12.93 6.35 7.70
CA MET D 164 12.77 5.18 8.55
C MET D 164 11.98 5.55 9.80
N ALA D 165 12.27 6.72 10.36
CA ALA D 165 11.59 7.14 11.58
C ALA D 165 10.10 7.39 11.33
N LYS D 166 9.78 7.98 10.19
CA LYS D 166 8.38 8.24 9.87
C LYS D 166 7.62 6.94 9.64
N ALA D 167 8.26 5.95 9.01
CA ALA D 167 7.64 4.65 8.82
C ALA D 167 7.32 4.00 10.17
N SER D 168 8.27 4.10 11.11
CA SER D 168 8.08 3.66 12.49
C SER D 168 6.87 4.38 13.11
N LEU D 169 6.85 5.70 12.99
CA LEU D 169 5.76 6.52 13.51
C LEU D 169 4.41 6.09 12.93
N GLU D 170 4.35 5.83 11.63
CA GLU D 170 3.07 5.45 11.03
C GLU D 170 2.56 4.10 11.54
N ALA D 171 3.48 3.15 11.73
CA ALA D 171 3.11 1.90 12.40
C ALA D 171 2.63 2.20 13.82
N GLY D 172 3.30 3.14 14.47
CA GLY D 172 2.89 3.60 15.79
C GLY D 172 1.45 4.09 15.84
N VAL D 173 1.06 4.87 14.83
CA VAL D 173 -0.33 5.30 14.71
C VAL D 173 -1.26 4.10 14.76
N ARG D 174 -0.96 3.08 13.96
CA ARG D 174 -1.80 1.88 13.91
C ARG D 174 -1.83 1.09 15.23
N TYR D 175 -0.68 0.88 15.85
CA TYR D 175 -0.63 0.14 17.12
C TYR D 175 -1.31 0.91 18.25
N LEU D 176 -1.11 2.23 18.32
CA LEU D 176 -1.86 3.05 19.28
C LEU D 176 -3.37 2.98 19.03
N ALA D 177 -3.76 3.06 17.77
CA ALA D 177 -5.19 2.98 17.44
C ALA D 177 -5.76 1.65 17.92
N GLY D 178 -5.03 0.56 17.66
CA GLY D 178 -5.48 -0.76 18.09
C GLY D 178 -5.55 -0.92 19.61
N SER D 179 -4.67 -0.24 20.33
CA SER D 179 -4.62 -0.30 21.79
C SER D 179 -5.66 0.58 22.48
N LEU D 180 -5.81 1.82 22.00
CA LEU D 180 -6.58 2.83 22.70
C LEU D 180 -8.04 2.94 22.21
N GLY D 181 -8.33 2.27 21.11
CA GLY D 181 -9.64 2.37 20.48
C GLY D 181 -10.77 1.87 21.37
N ALA D 182 -10.53 0.77 22.07
CA ALA D 182 -11.55 0.16 22.90
C ALA D 182 -12.06 1.13 23.97
N GLU D 183 -11.18 1.98 24.49
CA GLU D 183 -11.58 2.94 25.53
C GLU D 183 -12.05 4.26 24.93
N GLY D 184 -12.06 4.35 23.60
CA GLY D 184 -12.70 5.46 22.91
C GLY D 184 -11.80 6.45 22.19
N THR D 185 -10.49 6.26 22.29
CA THR D 185 -9.56 7.22 21.71
C THR D 185 -9.23 6.87 20.26
N ARG D 186 -9.33 7.83 19.35
CA ARG D 186 -8.94 7.60 17.96
C ARG D 186 -7.53 8.12 17.77
N VAL D 187 -6.79 7.55 16.83
CA VAL D 187 -5.40 7.92 16.60
C VAL D 187 -5.15 8.00 15.10
N ASN D 188 -4.74 9.17 14.61
CA ASN D 188 -4.52 9.37 13.17
C ASN D 188 -3.28 10.22 12.88
N ALA D 189 -2.97 10.35 11.60
CA ALA D 189 -1.90 11.25 11.17
C ALA D 189 -2.31 12.02 9.94
N VAL D 190 -1.73 13.21 9.75
CA VAL D 190 -1.74 13.84 8.45
C VAL D 190 -0.35 13.69 7.84
N SER D 191 -0.28 13.19 6.62
CA SER D 191 0.98 13.16 5.88
C SER D 191 0.97 14.38 4.97
N ALA D 192 1.73 15.41 5.34
CA ALA D 192 1.71 16.66 4.60
C ALA D 192 2.66 16.68 3.41
N GLY D 193 2.26 17.39 2.35
CA GLY D 193 3.19 17.74 1.29
C GLY D 193 4.20 18.74 1.83
N PRO D 194 5.24 19.05 1.04
CA PRO D 194 6.29 19.94 1.56
C PRO D 194 5.80 21.37 1.79
N ILE D 195 6.23 21.93 2.91
CA ILE D 195 5.85 23.27 3.34
C ILE D 195 7.08 23.98 3.92
N ARG D 196 7.30 25.23 3.53
CA ARG D 196 8.44 26.00 4.02
C ARG D 196 8.32 26.32 5.50
N THR D 197 8.98 25.51 6.33
CA THR D 197 9.00 25.71 7.77
C THR D 197 10.46 25.81 8.21
N LEU D 198 10.69 26.08 9.50
CA LEU D 198 12.05 26.16 10.04
C LEU D 198 12.83 24.86 9.81
N ALA D 199 12.23 23.73 10.20
CA ALA D 199 12.87 22.43 10.02
C ALA D 199 13.12 22.11 8.54
N ALA D 200 12.13 22.42 7.70
CA ALA D 200 12.21 22.14 6.26
C ALA D 200 13.35 22.90 5.62
N SER D 201 13.57 24.13 6.07
CA SER D 201 14.64 24.99 5.58
C SER D 201 16.02 24.43 5.89
N GLY D 202 16.09 23.50 6.84
CA GLY D 202 17.34 22.85 7.18
C GLY D 202 17.73 21.78 6.18
N ILE D 203 16.75 21.26 5.44
CA ILE D 203 17.01 20.21 4.45
C ILE D 203 17.55 20.79 3.16
N LYS D 204 18.79 20.45 2.80
CA LYS D 204 19.32 20.91 1.53
C LYS D 204 18.46 20.28 0.45
N SER D 205 18.32 20.96 -0.68
CA SER D 205 17.44 20.52 -1.77
C SER D 205 15.97 20.52 -1.37
N PHE D 206 15.60 21.21 -0.29
CA PHE D 206 14.18 21.33 0.01
C PHE D 206 13.48 22.12 -1.07
N ARG D 207 14.15 23.16 -1.58
CA ARG D 207 13.54 23.98 -2.62
C ARG D 207 13.21 23.12 -3.85
N LYS D 208 14.01 22.08 -4.10
CA LYS D 208 13.74 21.15 -5.20
C LYS D 208 12.52 20.29 -4.90
N MET D 209 12.39 19.82 -3.67
CA MET D 209 11.18 19.12 -3.24
C MET D 209 9.94 19.98 -3.47
N LEU D 210 10.03 21.26 -3.12
CA LEU D 210 8.92 22.20 -3.32
C LEU D 210 8.55 22.34 -4.79
N ALA D 211 9.55 22.55 -5.63
CA ALA D 211 9.33 22.75 -7.06
C ALA D 211 8.80 21.48 -7.71
N ALA D 212 9.32 20.33 -7.27
CA ALA D 212 8.87 19.03 -7.77
C ALA D 212 7.40 18.84 -7.50
N ASN D 213 6.97 19.13 -6.29
CA ASN D 213 5.58 18.94 -5.91
C ASN D 213 4.67 19.87 -6.69
N GLU D 214 5.08 21.13 -6.83
CA GLU D 214 4.24 22.11 -7.52
C GLU D 214 3.96 21.70 -8.96
N ARG D 215 4.97 21.19 -9.65
CA ARG D 215 4.80 20.82 -11.05
C ARG D 215 4.00 19.52 -11.22
N GLN D 216 4.21 18.57 -10.32
CA GLN D 216 3.69 17.22 -10.50
C GLN D 216 2.40 16.92 -9.72
N THR D 217 2.13 17.65 -8.65
CA THR D 217 0.92 17.38 -7.87
C THR D 217 -0.32 17.70 -8.71
N PRO D 218 -1.35 16.85 -8.60
CA PRO D 218 -2.59 17.04 -9.37
C PRO D 218 -3.16 18.47 -9.30
N LEU D 219 -3.14 19.08 -8.13
CA LEU D 219 -3.68 20.44 -8.00
C LEU D 219 -2.73 21.54 -8.53
N ARG D 220 -1.52 21.14 -8.92
CA ARG D 220 -0.52 22.05 -9.49
C ARG D 220 -0.17 23.22 -8.57
N ARG D 221 -0.16 22.97 -7.26
CA ARG D 221 0.20 23.99 -6.28
C ARG D 221 0.61 23.30 -5.00
N ASN D 222 1.47 23.95 -4.22
CA ASN D 222 1.89 23.42 -2.94
C ASN D 222 0.80 23.59 -1.91
N VAL D 223 0.83 22.78 -0.85
CA VAL D 223 -0.19 22.91 0.18
C VAL D 223 0.26 23.92 1.24
N THR D 224 -0.69 24.34 2.08
CA THR D 224 -0.45 25.35 3.11
C THR D 224 -0.71 24.78 4.50
N ILE D 225 -0.18 25.43 5.54
CA ILE D 225 -0.44 24.96 6.89
C ILE D 225 -1.92 25.19 7.25
N GLU D 226 -2.61 26.06 6.51
CA GLU D 226 -4.06 26.23 6.69
C GLU D 226 -4.79 24.97 6.24
N GLU D 227 -4.37 24.40 5.11
CA GLU D 227 -4.98 23.18 4.61
C GLU D 227 -4.65 21.99 5.51
N VAL D 228 -3.39 21.89 5.94
CA VAL D 228 -3.02 20.84 6.89
C VAL D 228 -3.75 21.06 8.22
N GLY D 229 -3.81 22.32 8.65
CA GLY D 229 -4.49 22.67 9.89
C GLY D 229 -5.97 22.26 9.87
N ASN D 230 -6.65 22.49 8.75
CA ASN D 230 -8.06 22.12 8.61
C ASN D 230 -8.26 20.60 8.64
N ALA D 231 -7.39 19.87 7.96
CA ALA D 231 -7.49 18.42 7.95
C ALA D 231 -7.27 17.86 9.34
N GLY D 232 -6.27 18.39 10.04
CA GLY D 232 -5.99 17.96 11.40
C GLY D 232 -7.13 18.26 12.37
N ALA D 233 -7.68 19.47 12.27
CA ALA D 233 -8.85 19.86 13.05
C ALA D 233 -10.01 18.90 12.82
N PHE D 234 -10.30 18.60 11.56
CA PHE D 234 -11.37 17.65 11.24
C PHE D 234 -11.10 16.28 11.87
N LEU D 235 -9.88 15.76 11.74
CA LEU D 235 -9.56 14.42 12.26
C LEU D 235 -9.70 14.34 13.77
N CYS D 236 -9.53 15.47 14.45
CA CYS D 236 -9.61 15.49 15.90
C CYS D 236 -11.00 15.92 16.40
N SER D 237 -11.96 16.00 15.48
CA SER D 237 -13.31 16.39 15.85
C SER D 237 -14.23 15.19 15.82
N ASP D 238 -15.42 15.35 16.40
CA ASP D 238 -16.39 14.26 16.41
C ASP D 238 -16.96 14.00 15.02
N LEU D 239 -16.69 14.90 14.06
CA LEU D 239 -17.08 14.66 12.66
C LEU D 239 -16.33 13.45 12.11
N ALA D 240 -15.16 13.17 12.69
CA ALA D 240 -14.32 12.05 12.24
C ALA D 240 -14.42 10.85 13.18
N SER D 241 -15.56 10.70 13.86
CA SER D 241 -15.69 9.67 14.89
C SER D 241 -15.62 8.23 14.32
N GLY D 242 -15.81 8.08 13.01
CA GLY D 242 -15.66 6.76 12.43
C GLY D 242 -14.26 6.47 11.93
N ILE D 243 -13.31 7.38 12.16
CA ILE D 243 -11.97 7.31 11.56
C ILE D 243 -10.84 7.11 12.58
N SER D 244 -10.16 5.97 12.50
CA SER D 244 -8.99 5.76 13.34
C SER D 244 -7.93 4.97 12.60
N GLY D 245 -6.67 5.17 12.98
CA GLY D 245 -5.56 4.44 12.38
C GLY D 245 -5.13 4.94 11.01
N GLU D 246 -5.68 6.08 10.60
CA GLU D 246 -5.56 6.58 9.24
C GLU D 246 -4.35 7.49 9.03
N ILE D 247 -3.63 7.29 7.92
CA ILE D 247 -2.65 8.26 7.46
C ILE D 247 -3.28 9.06 6.32
N LEU D 248 -3.75 10.28 6.61
CA LEU D 248 -4.44 11.11 5.62
C LEU D 248 -3.47 12.05 4.90
N TYR D 249 -3.33 11.87 3.60
CA TYR D 249 -2.44 12.72 2.80
C TYR D 249 -3.09 14.05 2.51
N VAL D 250 -2.37 15.12 2.84
CA VAL D 250 -2.78 16.46 2.49
C VAL D 250 -1.62 17.03 1.67
N ASP D 251 -1.59 16.65 0.39
CA ASP D 251 -0.42 16.96 -0.43
C ASP D 251 -0.86 17.27 -1.85
N GLY D 252 -2.15 17.57 -2.00
CA GLY D 252 -2.68 17.90 -3.30
C GLY D 252 -2.82 16.68 -4.21
N GLY D 253 -2.51 15.50 -3.68
CA GLY D 253 -2.52 14.27 -4.45
C GLY D 253 -1.16 13.85 -4.98
N PHE D 254 -0.10 14.53 -4.60
CA PHE D 254 1.23 14.22 -5.14
C PHE D 254 1.58 12.75 -4.94
N ASN D 255 1.25 12.19 -3.77
CA ASN D 255 1.57 10.81 -3.47
C ASN D 255 0.93 9.79 -4.46
N THR D 256 -0.12 10.20 -5.16
CA THR D 256 -0.80 9.27 -6.06
C THR D 256 -0.21 9.29 -7.48
N THR D 257 0.84 10.09 -7.70
CA THR D 257 1.45 10.21 -9.02
C THR D 257 2.79 9.48 -9.08
N ALA D 258 3.12 8.95 -10.26
CA ALA D 258 4.43 8.34 -10.48
C ALA D 258 5.29 9.18 -11.42
N MET D 259 4.65 9.93 -12.29
CA MET D 259 5.33 10.86 -13.21
C MET D 259 4.49 12.12 -13.39
N GLY D 260 5.15 13.23 -13.70
CA GLY D 260 4.46 14.49 -13.91
C GLY D 260 3.86 14.59 -15.30
N PRO D 261 3.17 15.71 -15.58
CA PRO D 261 2.55 15.86 -16.89
C PRO D 261 3.57 16.07 -18.00
N LEU D 262 3.19 15.76 -19.24
CA LEU D 262 4.11 15.88 -20.37
C LEU D 262 4.48 17.33 -20.66
PA NAD E . 3.50 -7.27 -26.68
O1A NAD E . 3.00 -6.42 -27.78
O2A NAD E . 4.79 -8.02 -27.02
O5B NAD E . 2.42 -8.34 -26.23
C5B NAD E . 1.07 -7.97 -26.04
C4B NAD E . 0.23 -9.24 -26.28
O4B NAD E . -1.03 -8.98 -26.07
C3B NAD E . 0.37 -9.63 -27.77
O3B NAD E . 0.84 -10.90 -27.95
C2B NAD E . -1.07 -9.51 -28.27
O2B NAD E . -1.26 -10.46 -29.41
C1B NAD E . -1.76 -9.83 -27.20
N9A NAD E . -3.13 -9.45 -27.33
C8A NAD E . -3.64 -8.20 -27.46
N7A NAD E . -4.99 -8.29 -27.59
C5A NAD E . -5.31 -9.63 -27.57
C6A NAD E . -6.52 -10.30 -27.66
N6A NAD E . -7.86 -9.85 -27.84
N1A NAD E . -6.55 -11.65 -27.59
C2A NAD E . -5.39 -12.37 -27.43
N3A NAD E . -4.20 -11.72 -27.33
C4A NAD E . -4.17 -10.33 -27.40
O3 NAD E . 3.71 -6.30 -25.43
PN NAD E . 4.13 -6.65 -23.93
O1N NAD E . 4.75 -5.40 -23.37
O2N NAD E . 5.05 -7.83 -23.86
O5D NAD E . 2.76 -6.91 -23.11
C5D NAD E . 2.68 -8.12 -22.33
C4D NAD E . 2.09 -7.80 -20.92
O4D NAD E . 2.99 -7.15 -20.20
C3D NAD E . 0.86 -6.91 -20.94
O3D NAD E . -0.03 -7.36 -19.98
C2D NAD E . 1.44 -5.53 -20.52
O2D NAD E . 0.35 -4.66 -20.02
C1D NAD E . 2.28 -5.87 -19.59
N1N NAD E . 3.34 -4.92 -19.28
C2N NAD E . 4.18 -4.44 -20.26
C3N NAD E . 5.17 -3.55 -19.92
C7N NAD E . 6.12 -3.00 -20.97
O7N NAD E . 6.26 -3.51 -22.10
N7N NAD E . 6.80 -1.81 -20.62
C4N NAD E . 5.34 -3.15 -18.61
C5N NAD E . 4.52 -3.63 -17.63
C6N NAD E . 3.52 -4.53 -17.98
C1 TCL F . 2.74 -0.88 -19.69
C2 TCL F . 3.84 -0.32 -20.36
C6 TCL F . 1.90 -1.76 -20.38
C5 TCL F . 2.16 -2.06 -21.69
C4 TCL F . 3.24 -1.52 -22.36
C3 TCL F . 4.08 -0.63 -21.69
C11 TCL F . -1.75 -1.46 -24.72
C10 TCL F . -1.51 -2.81 -24.65
C9 TCL F . -0.49 -3.28 -23.85
C8 TCL F . 0.28 -2.40 -23.10
C12 TCL F . -0.98 -0.57 -23.98
C13 TCL F . 0.04 -1.03 -23.16
O7 TCL F . 1.30 -2.97 -22.34
CL14 TCL F . 4.88 0.81 -19.51
CL15 TCL F . -3.03 -0.92 -25.76
CL16 TCL F . -0.17 -4.99 -23.77
O17 TCL F . 0.78 -2.34 -19.75
PA NAD G . -27.82 1.20 -1.29
O1A NAD G . -28.58 0.00 -1.69
O2A NAD G . -28.56 2.10 -0.30
O5B NAD G . -27.37 2.08 -2.54
C5B NAD G . -26.97 1.43 -3.71
C4B NAD G . -27.33 2.41 -4.86
O4B NAD G . -26.87 1.97 -5.99
C3B NAD G . -28.87 2.45 -4.99
O3B NAD G . -29.36 3.73 -4.85
C2B NAD G . -29.08 1.97 -6.43
O2B NAD G . -30.34 2.58 -6.97
C1B NAD G . -28.00 2.41 -7.03
N9A NAD G . -27.80 1.76 -8.28
C8A NAD G . -27.54 0.44 -8.48
N7A NAD G . -27.47 0.22 -9.82
C5A NAD G . -27.70 1.42 -10.45
C6A NAD G . -27.74 1.78 -11.79
N6A NAD G . -27.57 1.01 -12.98
N1A NAD G . -27.98 3.05 -12.15
C2A NAD G . -28.20 4.02 -11.19
N3A NAD G . -28.16 3.68 -9.86
C4A NAD G . -27.91 2.36 -9.50
O3 NAD G . -26.45 0.65 -0.68
PN NAD G . -25.19 1.50 -0.17
O1N NAD G . -24.42 0.53 0.68
O2N NAD G . -25.54 2.80 0.50
O5D NAD G . -24.49 1.95 -1.52
C5D NAD G . -23.28 1.38 -1.75
C4D NAD G . -22.25 2.48 -2.12
O4D NAD G . -21.41 2.52 -1.12
C3D NAD G . -21.64 1.65 -3.21
O3D NAD G . -20.68 2.26 -3.99
C2D NAD G . -21.04 0.57 -2.25
O2D NAD G . -20.23 -0.39 -3.04
C1D NAD G . -20.42 1.30 -1.36
N1N NAD G . -20.13 0.67 -0.06
C2N NAD G . -21.10 0.15 0.75
C3N NAD G . -20.75 -0.40 1.97
C7N NAD G . -21.78 -1.01 2.90
O7N NAD G . -21.39 -1.77 3.77
N7N NAD G . -23.19 -0.74 2.76
C4N NAD G . -19.44 -0.42 2.38
C5N NAD G . -18.46 0.13 1.58
C6N NAD G . -18.83 0.68 0.37
C1 TCL H . -19.58 -3.35 0.29
C2 TCL H . -20.30 -3.82 1.38
C6 TCL H . -20.28 -2.84 -0.81
C5 TCL H . -21.66 -2.82 -0.80
C4 TCL H . -22.39 -3.29 0.29
C3 TCL H . -21.69 -3.80 1.38
C11 TCL H . -23.87 -4.92 -4.75
C10 TCL H . -24.12 -3.58 -4.83
C9 TCL H . -23.58 -2.73 -3.87
C8 TCL H . -22.81 -3.22 -2.83
C12 TCL H . -23.08 -5.43 -3.72
C13 TCL H . -22.53 -4.58 -2.75
O7 TCL H . -22.32 -2.27 -1.92
CL14 TCL H . -19.46 -4.47 2.77
CL15 TCL H . -24.58 -5.93 -5.98
CL16 TCL H . -23.92 -1.04 -3.99
O17 TCL H . -19.60 -2.36 -1.93
PA NAD I . 15.57 -17.16 15.56
O1A NAD I . 15.41 -17.19 17.03
O2A NAD I . 15.88 -18.56 14.99
O5B NAD I . 16.70 -16.15 15.11
C5B NAD I . 16.72 -14.87 15.69
C4B NAD I . 18.17 -14.36 15.53
O4B NAD I . 18.28 -13.15 16.00
C3B NAD I . 19.10 -15.25 16.38
O3B NAD I . 20.11 -15.81 15.64
C2B NAD I . 19.68 -14.23 17.37
O2B NAD I . 21.03 -14.71 17.83
C1B NAD I . 19.73 -13.15 16.65
N9A NAD I . 19.93 -11.99 17.46
C8A NAD I . 19.09 -11.50 18.42
N7A NAD I . 19.69 -10.41 18.95
C5A NAD I . 20.90 -10.23 18.35
C6A NAD I . 21.91 -9.29 18.53
N6A NAD I . 22.03 -8.17 19.40
N1A NAD I . 23.04 -9.34 17.78
C2A NAD I . 23.19 -10.34 16.84
N3A NAD I . 22.20 -11.28 16.66
C4A NAD I . 21.06 -11.21 17.43
O3 NAD I . 14.17 -16.64 15.01
PN NAD I . 13.76 -16.41 13.48
O1N NAD I . 14.32 -17.51 12.60
O2N NAD I . 12.25 -16.35 13.41
O5D NAD I . 14.57 -15.22 12.82
C5D NAD I . 14.16 -13.91 13.07
C4D NAD I . 14.21 -13.13 11.74
O4D NAD I . 13.19 -13.47 10.95
C3D NAD I . 13.85 -11.83 12.38
O3D NAD I . 14.21 -10.74 11.64
C2D NAD I . 12.32 -12.06 12.50
O2D NAD I . 11.71 -10.77 12.91
C1D NAD I . 12.02 -12.44 11.30
N1N NAD I . 10.72 -13.08 11.11
C2N NAD I . 10.36 -14.24 11.75
C3N NAD I . 9.12 -14.81 11.53
C7N NAD I . 8.71 -16.11 12.23
O7N NAD I . 7.54 -16.44 12.24
N7N NAD I . 9.69 -16.93 12.87
C4N NAD I . 8.23 -14.22 10.66
C5N NAD I . 8.57 -13.07 10.02
C6N NAD I . 9.82 -12.50 10.24
C1 TCL J . 7.53 -12.40 13.69
C2 TCL J . 6.96 -13.62 14.05
C6 TCL J . 8.84 -12.11 14.09
C5 TCL J . 9.55 -13.04 14.84
C4 TCL J . 8.98 -14.26 15.19
C3 TCL J . 7.68 -14.54 14.79
C11 TCL J . 11.53 -11.07 18.94
C10 TCL J . 12.58 -11.45 18.14
C9 TCL J . 12.31 -11.99 16.91
C8 TCL J . 11.02 -12.14 16.47
C12 TCL J . 10.21 -11.22 18.52
C13 TCL J . 9.95 -11.76 17.26
O7 TCL J . 10.86 -12.71 15.20
CL14 TCL J . 5.33 -13.95 13.54
CL15 TCL J . 11.89 -10.40 20.50
CL16 TCL J . 13.61 -12.49 15.88
O17 TCL J . 9.43 -10.89 13.75
PA NAD K . 8.92 23.24 12.54
O1A NAD K . 8.02 24.42 12.43
O2A NAD K . 10.41 23.63 12.59
O5B NAD K . 8.51 22.41 13.83
C5B NAD K . 9.30 21.32 14.23
C4B NAD K . 9.05 21.13 15.76
O4B NAD K . 9.76 20.14 16.21
C3B NAD K . 9.57 22.39 16.52
O3B NAD K . 8.58 22.96 17.28
C2B NAD K . 10.65 21.80 17.45
O2B NAD K . 10.78 22.61 18.70
C1B NAD K . 10.19 20.61 17.67
N9A NAD K . 11.18 19.75 18.21
C8A NAD K . 12.33 19.34 17.61
N7A NAD K . 12.97 18.54 18.50
C5A NAD K . 12.22 18.47 19.65
C6A NAD K . 12.41 17.81 20.85
N6A NAD K . 13.44 16.97 21.34
N1A NAD K . 11.48 17.91 21.84
C2A NAD K . 10.36 18.68 21.64
N3A NAD K . 10.17 19.33 20.46
C4A NAD K . 11.12 19.22 19.45
O3 NAD K . 8.75 22.32 11.25
PN NAD K . 7.44 21.50 10.83
O1N NAD K . 7.52 21.32 9.32
O2N NAD K . 6.21 22.29 11.21
O5D NAD K . 7.46 20.07 11.56
C5D NAD K . 6.28 19.63 12.26
C4D NAD K . 5.92 18.19 11.81
O4D NAD K . 5.51 18.18 10.55
C3D NAD K . 7.15 17.30 11.84
O3D NAD K . 6.79 16.07 12.36
C2D NAD K . 7.52 17.16 10.33
O2D NAD K . 8.32 15.91 10.18
C1D NAD K . 6.34 17.07 9.80
N1N NAD K . 6.26 17.34 8.36
C2N NAD K . 6.69 18.52 7.81
C3N NAD K . 6.56 18.73 6.46
C7N NAD K . 7.06 20.02 5.80
O7N NAD K . 7.22 20.05 4.59
N7N NAD K . 7.36 21.19 6.59
C4N NAD K . 5.99 17.77 5.65
C5N NAD K . 5.53 16.61 6.20
C6N NAD K . 5.66 16.40 7.56
C1 TCL L . 9.39 16.63 5.79
C2 TCL L . 9.58 17.73 4.97
C6 TCL L . 9.62 16.75 7.16
C5 TCL L . 10.06 17.95 7.68
C4 TCL L . 10.25 19.06 6.86
C3 TCL L . 10.02 18.95 5.50
C11 TCL L . 14.08 17.45 10.51
C10 TCL L . 13.07 17.81 11.36
C9 TCL L . 11.80 17.99 10.85
C8 TCL L . 11.57 17.80 9.50
C12 TCL L . 13.87 17.26 9.15
C13 TCL L . 12.59 17.44 8.64
O7 TCL L . 10.25 18.02 9.07
CL14 TCL L . 9.28 17.59 3.27
CL15 TCL L . 15.66 17.24 11.19
CL16 TCL L . 10.49 18.45 11.90
O17 TCL L . 9.45 15.66 8.03
#